data_2ZBT
#
_entry.id   2ZBT
#
_cell.length_a   180.970
_cell.length_b   180.970
_cell.length_c   100.750
_cell.angle_alpha   90.00
_cell.angle_beta   90.00
_cell.angle_gamma   120.00
#
_symmetry.space_group_name_H-M   'H 3'
#
loop_
_entity.id
_entity.type
_entity.pdbx_description
1 polymer 'Pyridoxal biosynthesis lyase pdxS'
2 non-polymer (4S)-2-METHYL-2,4-PENTANEDIOL
3 water water
#
_entity_poly.entity_id   1
_entity_poly.type   'polypeptide(L)'
_entity_poly.pdbx_seq_one_letter_code
;MEGGMEKGTFQIKTGFAEMFKGGVIMDVTTPEQAVIAEEAGAVAVMALERVPADIRAQGGVARMSDPKIIKEIMAAVSIP
VMAKVRIGHFVEAMILEAIGVDFIDESEVLTPADEEHHIDKWKFKVPFVCGARNLGEALRRIAEGAAMIRTKGEAGTGNV
VEAVRHARTMWKEIRYVQSLREDELMAYAKEIGAPFELVKWVHDHGRLPVVNFAAGGIATPADAALMMHLGMDGVFVGSG
IFKSGDPRKRARAIVRAVAHYNDPEVLAEVSEDLGEPMVGINLDQLKEEERLAKRGW
;
_entity_poly.pdbx_strand_id   A,B,C,D
#
loop_
_chem_comp.id
_chem_comp.type
_chem_comp.name
_chem_comp.formula
MPD non-polymer (4S)-2-METHYL-2,4-PENTANEDIOL 'C6 H14 O2'
#
# COMPACT_ATOMS: atom_id res chain seq x y z
N GLY A 3 36.54 -6.86 12.58
CA GLY A 3 35.24 -6.58 11.92
C GLY A 3 35.20 -5.18 11.33
N GLY A 4 34.89 -5.10 10.03
CA GLY A 4 34.84 -3.80 9.39
C GLY A 4 33.66 -3.64 8.44
N MET A 5 33.79 -2.70 7.51
CA MET A 5 32.73 -2.43 6.54
C MET A 5 33.30 -2.35 5.13
N GLU A 6 32.98 -3.33 4.29
CA GLU A 6 33.45 -3.31 2.92
C GLU A 6 32.63 -2.27 2.16
N LYS A 7 33.31 -1.43 1.40
CA LYS A 7 32.64 -0.38 0.65
C LYS A 7 32.09 -0.86 -0.69
N GLY A 8 30.78 -0.98 -0.77
CA GLY A 8 30.15 -1.42 -2.01
C GLY A 8 29.74 -0.21 -2.82
N THR A 9 29.71 -0.34 -4.14
CA THR A 9 29.34 0.78 -4.99
C THR A 9 28.44 0.34 -6.14
N PHE A 10 27.64 1.29 -6.62
CA PHE A 10 26.74 1.06 -7.74
C PHE A 10 26.49 2.40 -8.40
N GLN A 11 26.03 2.38 -9.63
CA GLN A 11 25.77 3.63 -10.34
C GLN A 11 24.33 3.78 -10.77
N ILE A 12 23.98 4.99 -11.17
CA ILE A 12 22.67 5.33 -11.67
C ILE A 12 22.96 6.24 -12.86
N LYS A 13 22.45 5.90 -14.03
CA LYS A 13 22.71 6.72 -15.22
C LYS A 13 21.87 7.98 -15.25
N THR A 14 22.29 8.97 -14.48
CA THR A 14 21.59 10.24 -14.39
C THR A 14 22.18 11.29 -15.34
N GLY A 15 21.43 12.37 -15.53
CA GLY A 15 21.88 13.47 -16.36
C GLY A 15 21.73 13.37 -17.87
N PHE A 16 21.11 12.31 -18.36
CA PHE A 16 20.95 12.14 -19.80
C PHE A 16 19.62 12.61 -20.37
N ALA A 17 18.57 12.58 -19.55
CA ALA A 17 17.24 12.95 -20.03
C ALA A 17 16.69 14.27 -19.51
N GLU A 18 17.41 14.92 -18.60
CA GLU A 18 16.95 16.19 -18.04
C GLU A 18 16.59 17.22 -19.10
N MET A 19 17.29 17.20 -20.22
CA MET A 19 17.03 18.17 -21.29
C MET A 19 15.66 18.01 -21.91
N PHE A 20 14.98 16.91 -21.62
CA PHE A 20 13.66 16.67 -22.17
C PHE A 20 12.52 17.08 -21.26
N LYS A 21 12.83 17.41 -20.01
CA LYS A 21 11.80 17.81 -19.05
C LYS A 21 10.87 18.90 -19.57
N GLY A 22 9.57 18.68 -19.37
CA GLY A 22 8.57 19.64 -19.82
C GLY A 22 8.31 19.60 -21.31
N GLY A 23 8.82 18.57 -21.97
CA GLY A 23 8.63 18.47 -23.41
C GLY A 23 7.88 17.27 -23.94
N VAL A 24 7.75 17.24 -25.26
CA VAL A 24 7.05 16.18 -25.98
C VAL A 24 7.98 15.51 -26.99
N ILE A 25 7.99 14.18 -26.99
CA ILE A 25 8.80 13.42 -27.94
C ILE A 25 7.81 12.76 -28.89
N MET A 26 8.00 12.97 -30.18
CA MET A 26 7.07 12.44 -31.18
C MET A 26 7.58 11.35 -32.11
N ASP A 27 6.75 10.33 -32.31
CA ASP A 27 7.06 9.24 -33.22
C ASP A 27 6.98 9.80 -34.65
N VAL A 28 7.99 9.53 -35.47
CA VAL A 28 7.99 10.01 -36.85
C VAL A 28 8.46 8.89 -37.77
N THR A 29 7.83 8.77 -38.94
CA THR A 29 8.18 7.73 -39.90
C THR A 29 8.88 8.26 -41.15
N THR A 30 8.93 9.58 -41.28
CA THR A 30 9.58 10.19 -42.43
C THR A 30 10.28 11.47 -42.03
N PRO A 31 11.23 11.94 -42.86
CA PRO A 31 11.95 13.18 -42.55
C PRO A 31 10.98 14.36 -42.48
N GLU A 32 9.96 14.32 -43.34
CA GLU A 32 8.96 15.38 -43.39
C GLU A 32 8.22 15.50 -42.05
N GLN A 33 7.88 14.37 -41.45
CA GLN A 33 7.19 14.39 -40.17
C GLN A 33 8.16 14.87 -39.10
N ALA A 34 9.42 14.47 -39.21
CA ALA A 34 10.43 14.87 -38.25
C ALA A 34 10.54 16.40 -38.25
N VAL A 35 10.53 16.99 -39.43
CA VAL A 35 10.62 18.44 -39.56
C VAL A 35 9.40 19.10 -38.91
N ILE A 36 8.22 18.54 -39.16
CA ILE A 36 6.99 19.08 -38.58
C ILE A 36 7.05 19.01 -37.06
N ALA A 37 7.53 17.88 -36.54
CA ALA A 37 7.64 17.71 -35.10
C ALA A 37 8.57 18.75 -34.49
N GLU A 38 9.72 18.97 -35.13
CA GLU A 38 10.69 19.94 -34.64
C GLU A 38 10.16 21.37 -34.69
N GLU A 39 9.45 21.70 -35.76
CA GLU A 39 8.90 23.04 -35.90
C GLU A 39 7.76 23.28 -34.92
N ALA A 40 7.12 22.20 -34.48
CA ALA A 40 6.01 22.28 -33.53
C ALA A 40 6.53 22.48 -32.11
N GLY A 41 7.80 22.17 -31.89
CA GLY A 41 8.36 22.35 -30.56
C GLY A 41 8.73 21.06 -29.83
N ALA A 42 8.69 19.94 -30.53
CA ALA A 42 9.05 18.66 -29.92
C ALA A 42 10.50 18.76 -29.43
N VAL A 43 10.80 18.11 -28.30
CA VAL A 43 12.16 18.16 -27.77
C VAL A 43 13.03 17.05 -28.33
N ALA A 44 12.40 16.10 -29.02
CA ALA A 44 13.09 14.98 -29.65
C ALA A 44 12.09 14.22 -30.50
N VAL A 45 12.58 13.34 -31.37
CA VAL A 45 11.72 12.53 -32.20
C VAL A 45 12.12 11.07 -32.06
N MET A 46 11.16 10.18 -32.26
CA MET A 46 11.37 8.75 -32.19
C MET A 46 11.22 8.22 -33.62
N ALA A 47 12.33 7.86 -34.24
CA ALA A 47 12.34 7.37 -35.61
C ALA A 47 11.80 5.95 -35.75
N LEU A 48 10.83 5.79 -36.65
CA LEU A 48 10.20 4.50 -36.92
C LEU A 48 10.07 4.26 -38.41
N GLU A 49 10.45 3.07 -38.86
CA GLU A 49 10.34 2.73 -40.27
C GLU A 49 8.88 2.40 -40.57
N ARG A 50 8.21 1.81 -39.58
CA ARG A 50 6.81 1.44 -39.69
C ARG A 50 6.22 1.48 -38.29
N VAL A 51 4.93 1.74 -38.18
CA VAL A 51 4.27 1.82 -36.87
C VAL A 51 4.15 0.44 -36.24
N PRO A 52 4.82 0.23 -35.09
CA PRO A 52 4.81 -1.04 -34.36
C PRO A 52 3.40 -1.56 -34.06
N ALA A 53 2.54 -0.68 -33.57
CA ALA A 53 1.16 -1.04 -33.24
C ALA A 53 0.47 -1.68 -34.43
N ASP A 54 0.67 -1.11 -35.62
CA ASP A 54 0.05 -1.63 -36.83
C ASP A 54 0.60 -3.01 -37.17
N ILE A 55 1.92 -3.14 -37.10
CA ILE A 55 2.57 -4.41 -37.39
C ILE A 55 2.06 -5.51 -36.45
N ARG A 56 1.98 -5.20 -35.16
CA ARG A 56 1.52 -6.15 -34.16
C ARG A 56 0.07 -6.55 -34.43
N ALA A 57 -0.77 -5.57 -34.74
CA ALA A 57 -2.17 -5.82 -35.02
C ALA A 57 -2.30 -6.74 -36.23
N GLN A 58 -1.38 -6.58 -37.18
CA GLN A 58 -1.37 -7.39 -38.39
C GLN A 58 -0.73 -8.75 -38.13
N GLY A 59 -0.34 -8.99 -36.87
CA GLY A 59 0.27 -10.25 -36.50
C GLY A 59 1.69 -10.47 -37.00
N GLY A 60 2.40 -9.39 -37.29
CA GLY A 60 3.76 -9.52 -37.76
C GLY A 60 4.77 -9.29 -36.66
N VAL A 61 6.06 -9.38 -37.01
CA VAL A 61 7.14 -9.18 -36.05
C VAL A 61 7.69 -7.76 -36.24
N ALA A 62 7.73 -7.00 -35.17
CA ALA A 62 8.22 -5.63 -35.21
C ALA A 62 9.65 -5.62 -34.66
N ARG A 63 10.58 -5.11 -35.46
CA ARG A 63 11.98 -5.09 -35.08
C ARG A 63 12.57 -3.69 -35.20
N MET A 64 13.89 -3.62 -35.01
CA MET A 64 14.63 -2.37 -35.14
C MET A 64 14.40 -1.88 -36.57
N SER A 65 14.30 -0.57 -36.75
CA SER A 65 14.08 -0.01 -38.07
C SER A 65 15.36 -0.03 -38.89
N ASP A 66 15.20 0.04 -40.22
CA ASP A 66 16.35 0.04 -41.11
C ASP A 66 17.19 1.30 -40.85
N PRO A 67 18.50 1.14 -40.65
CA PRO A 67 19.39 2.28 -40.39
C PRO A 67 19.25 3.38 -41.44
N LYS A 68 18.85 3.00 -42.66
CA LYS A 68 18.69 3.97 -43.73
C LYS A 68 17.65 5.04 -43.37
N ILE A 69 16.49 4.60 -42.92
CA ILE A 69 15.42 5.52 -42.57
C ILE A 69 15.77 6.33 -41.31
N ILE A 70 16.47 5.70 -40.38
CA ILE A 70 16.86 6.39 -39.16
C ILE A 70 17.86 7.51 -39.50
N LYS A 71 18.79 7.22 -40.39
CA LYS A 71 19.80 8.21 -40.78
C LYS A 71 19.13 9.37 -41.53
N GLU A 72 18.11 9.06 -42.33
CA GLU A 72 17.40 10.07 -43.09
C GLU A 72 16.71 11.05 -42.14
N ILE A 73 16.19 10.52 -41.04
CA ILE A 73 15.51 11.35 -40.06
C ILE A 73 16.54 12.16 -39.27
N MET A 74 17.68 11.55 -38.97
CA MET A 74 18.74 12.24 -38.23
C MET A 74 19.25 13.45 -39.01
N ALA A 75 19.30 13.33 -40.33
CA ALA A 75 19.81 14.41 -41.18
C ALA A 75 18.78 15.51 -41.44
N ALA A 76 17.54 15.30 -41.03
CA ALA A 76 16.48 16.28 -41.25
C ALA A 76 16.22 17.23 -40.09
N VAL A 77 16.63 16.86 -38.87
CA VAL A 77 16.39 17.69 -37.71
C VAL A 77 17.64 17.95 -36.86
N SER A 78 17.54 18.92 -35.95
CA SER A 78 18.64 19.27 -35.07
C SER A 78 18.43 18.71 -33.67
N ILE A 79 17.18 18.45 -33.32
CA ILE A 79 16.86 17.91 -32.01
C ILE A 79 17.28 16.44 -31.94
N PRO A 80 17.40 15.91 -30.71
CA PRO A 80 17.80 14.50 -30.53
C PRO A 80 16.89 13.50 -31.23
N VAL A 81 17.49 12.41 -31.70
CA VAL A 81 16.74 11.37 -32.38
C VAL A 81 16.87 10.06 -31.62
N MET A 82 15.72 9.44 -31.34
CA MET A 82 15.69 8.17 -30.63
C MET A 82 15.20 7.10 -31.60
N ALA A 83 15.47 5.84 -31.26
CA ALA A 83 15.03 4.72 -32.07
C ALA A 83 14.80 3.55 -31.14
N LYS A 84 13.99 2.58 -31.58
CA LYS A 84 13.67 1.44 -30.75
C LYS A 84 14.35 0.12 -31.09
N VAL A 85 14.48 -0.72 -30.07
CA VAL A 85 15.03 -2.06 -30.24
C VAL A 85 14.11 -2.99 -29.47
N ARG A 86 14.10 -4.27 -29.86
CA ARG A 86 13.28 -5.25 -29.18
C ARG A 86 13.87 -5.55 -27.81
N ILE A 87 13.03 -5.89 -26.83
CA ILE A 87 13.51 -6.20 -25.50
C ILE A 87 14.56 -7.30 -25.56
N GLY A 88 15.71 -7.06 -24.93
CA GLY A 88 16.79 -8.03 -24.91
C GLY A 88 17.65 -8.13 -26.16
N HIS A 89 17.32 -7.39 -27.20
CA HIS A 89 18.12 -7.48 -28.42
C HIS A 89 19.30 -6.52 -28.37
N PHE A 90 20.35 -6.90 -27.65
CA PHE A 90 21.50 -6.04 -27.51
C PHE A 90 22.28 -5.80 -28.79
N VAL A 91 22.12 -6.64 -29.79
CA VAL A 91 22.84 -6.41 -31.05
C VAL A 91 22.12 -5.30 -31.82
N GLU A 92 20.79 -5.26 -31.77
CA GLU A 92 20.08 -4.17 -32.44
C GLU A 92 20.57 -2.89 -31.77
N ALA A 93 20.74 -2.95 -30.44
CA ALA A 93 21.21 -1.78 -29.70
C ALA A 93 22.62 -1.37 -30.15
N MET A 94 23.48 -2.37 -30.38
CA MET A 94 24.85 -2.10 -30.82
C MET A 94 24.81 -1.33 -32.15
N ILE A 95 23.88 -1.71 -33.02
CA ILE A 95 23.74 -1.08 -34.33
C ILE A 95 23.24 0.36 -34.20
N LEU A 96 22.19 0.58 -33.42
CA LEU A 96 21.67 1.93 -33.24
C LEU A 96 22.73 2.84 -32.64
N GLU A 97 23.51 2.31 -31.71
CA GLU A 97 24.55 3.09 -31.08
C GLU A 97 25.60 3.47 -32.11
N ALA A 98 25.96 2.51 -32.96
CA ALA A 98 26.97 2.73 -34.00
C ALA A 98 26.59 3.80 -35.00
N ILE A 99 25.32 3.85 -35.39
CA ILE A 99 24.88 4.85 -36.37
C ILE A 99 24.66 6.23 -35.74
N GLY A 100 24.80 6.32 -34.43
CA GLY A 100 24.67 7.60 -33.77
C GLY A 100 23.34 8.08 -33.21
N VAL A 101 22.42 7.19 -32.88
CA VAL A 101 21.17 7.65 -32.31
C VAL A 101 21.49 8.26 -30.94
N ASP A 102 20.65 9.19 -30.50
CA ASP A 102 20.88 9.87 -29.24
C ASP A 102 20.34 9.13 -28.03
N PHE A 103 19.37 8.26 -28.26
CA PHE A 103 18.73 7.52 -27.17
C PHE A 103 18.10 6.26 -27.76
N ILE A 104 18.15 5.17 -27.00
CA ILE A 104 17.56 3.92 -27.46
C ILE A 104 16.38 3.57 -26.56
N ASP A 105 15.25 3.22 -27.16
CA ASP A 105 14.08 2.83 -26.40
C ASP A 105 13.95 1.31 -26.49
N GLU A 106 14.21 0.63 -25.38
CA GLU A 106 14.07 -0.84 -25.34
C GLU A 106 12.56 -0.93 -25.16
N SER A 107 11.88 -1.15 -26.27
CA SER A 107 10.43 -1.12 -26.32
C SER A 107 9.61 -2.40 -26.36
N GLU A 108 8.63 -2.47 -25.45
CA GLU A 108 7.75 -3.61 -25.39
C GLU A 108 6.73 -3.55 -26.53
N VAL A 109 6.75 -2.46 -27.29
CA VAL A 109 5.85 -2.27 -28.42
C VAL A 109 6.38 -3.09 -29.60
N LEU A 110 7.69 -3.32 -29.62
CA LEU A 110 8.28 -4.14 -30.66
C LEU A 110 8.15 -5.56 -30.14
N THR A 111 8.39 -6.55 -30.99
CA THR A 111 8.27 -7.95 -30.58
C THR A 111 9.46 -8.36 -29.70
N PRO A 112 9.21 -8.69 -28.42
CA PRO A 112 10.33 -9.09 -27.56
C PRO A 112 11.24 -10.15 -28.18
N ALA A 113 12.56 -9.91 -28.09
CA ALA A 113 13.53 -10.86 -28.63
C ALA A 113 14.02 -11.79 -27.52
N ASP A 114 13.80 -11.39 -26.27
CA ASP A 114 14.21 -12.20 -25.12
C ASP A 114 13.10 -12.00 -24.10
N GLU A 115 12.38 -13.07 -23.77
CA GLU A 115 11.29 -12.96 -22.81
C GLU A 115 11.73 -13.16 -21.37
N GLU A 116 13.03 -13.32 -21.17
CA GLU A 116 13.57 -13.53 -19.83
C GLU A 116 14.52 -12.41 -19.39
N HIS A 117 15.27 -11.85 -20.32
CA HIS A 117 16.24 -10.82 -19.95
C HIS A 117 16.18 -9.54 -20.77
N HIS A 118 16.36 -8.41 -20.09
CA HIS A 118 16.40 -7.13 -20.76
C HIS A 118 17.87 -6.88 -21.08
N ILE A 119 18.14 -5.83 -21.85
CA ILE A 119 19.50 -5.51 -22.24
C ILE A 119 20.37 -5.04 -21.08
N ASP A 120 21.63 -5.49 -21.08
CA ASP A 120 22.60 -5.07 -20.05
C ASP A 120 23.02 -3.69 -20.53
N LYS A 121 22.23 -2.68 -20.17
CA LYS A 121 22.48 -1.32 -20.61
C LYS A 121 23.77 -0.64 -20.16
N TRP A 122 24.41 -1.19 -19.14
CA TRP A 122 25.68 -0.65 -18.66
C TRP A 122 26.78 -0.83 -19.69
N LYS A 123 26.57 -1.78 -20.61
CA LYS A 123 27.56 -2.07 -21.65
C LYS A 123 27.52 -1.09 -22.83
N PHE A 124 26.69 -0.05 -22.70
CA PHE A 124 26.54 0.93 -23.76
C PHE A 124 26.82 2.35 -23.29
N LYS A 125 27.31 3.17 -24.21
CA LYS A 125 27.58 4.57 -23.90
C LYS A 125 26.27 5.31 -24.10
N VAL A 126 25.58 4.98 -25.19
CA VAL A 126 24.29 5.62 -25.50
C VAL A 126 23.27 5.28 -24.42
N PRO A 127 22.47 6.28 -23.99
CA PRO A 127 21.45 6.08 -22.96
C PRO A 127 20.19 5.39 -23.48
N PHE A 128 19.52 4.69 -22.57
CA PHE A 128 18.29 3.95 -22.87
C PHE A 128 17.09 4.45 -22.08
N VAL A 129 15.91 4.36 -22.69
CA VAL A 129 14.68 4.66 -21.99
C VAL A 129 13.96 3.31 -21.98
N CYS A 130 13.38 2.94 -20.84
CA CYS A 130 12.66 1.69 -20.69
C CYS A 130 11.28 1.95 -20.11
N GLY A 131 10.35 1.03 -20.38
CA GLY A 131 9.00 1.17 -19.87
C GLY A 131 8.79 0.53 -18.51
N ALA A 132 7.77 0.99 -17.80
CA ALA A 132 7.44 0.48 -16.47
C ALA A 132 5.97 0.75 -16.14
N ARG A 133 5.36 -0.17 -15.39
CA ARG A 133 3.96 -0.03 -14.98
C ARG A 133 3.88 0.29 -13.49
N ASN A 134 4.99 0.10 -12.78
CA ASN A 134 5.02 0.37 -11.36
C ASN A 134 6.45 0.63 -10.91
N LEU A 135 6.62 0.95 -9.64
CA LEU A 135 7.95 1.27 -9.11
C LEU A 135 8.94 0.12 -9.19
N GLY A 136 8.49 -1.10 -8.86
CA GLY A 136 9.40 -2.23 -8.90
C GLY A 136 10.02 -2.39 -10.28
N GLU A 137 9.17 -2.35 -11.31
CA GLU A 137 9.65 -2.50 -12.68
C GLU A 137 10.59 -1.37 -13.05
N ALA A 138 10.23 -0.14 -12.65
CA ALA A 138 11.07 1.01 -12.95
C ALA A 138 12.46 0.87 -12.33
N LEU A 139 12.51 0.44 -11.06
CA LEU A 139 13.80 0.29 -10.40
C LEU A 139 14.63 -0.86 -10.97
N ARG A 140 13.98 -1.93 -11.41
CA ARG A 140 14.75 -3.03 -12.01
C ARG A 140 15.40 -2.52 -13.31
N ARG A 141 14.65 -1.76 -14.11
CA ARG A 141 15.20 -1.23 -15.34
C ARG A 141 16.35 -0.26 -15.06
N ILE A 142 16.20 0.54 -14.01
CA ILE A 142 17.24 1.50 -13.66
C ILE A 142 18.49 0.78 -13.16
N ALA A 143 18.29 -0.30 -12.41
CA ALA A 143 19.41 -1.07 -11.90
C ALA A 143 20.18 -1.70 -13.06
N GLU A 144 19.49 -1.93 -14.17
CA GLU A 144 20.12 -2.52 -15.37
C GLU A 144 20.84 -1.46 -16.17
N GLY A 145 20.63 -0.20 -15.81
CA GLY A 145 21.29 0.89 -16.50
C GLY A 145 20.45 1.90 -17.24
N ALA A 146 19.12 1.75 -17.18
CA ALA A 146 18.23 2.70 -17.86
C ALA A 146 18.49 4.15 -17.43
N ALA A 147 18.50 5.05 -18.40
CA ALA A 147 18.74 6.47 -18.14
C ALA A 147 17.46 7.28 -18.17
N MET A 148 16.34 6.62 -18.42
CA MET A 148 15.04 7.28 -18.50
C MET A 148 13.96 6.22 -18.39
N ILE A 149 12.82 6.58 -17.83
CA ILE A 149 11.71 5.65 -17.69
C ILE A 149 10.47 6.29 -18.30
N ARG A 150 9.55 5.46 -18.76
CA ARG A 150 8.29 5.94 -19.29
C ARG A 150 7.23 4.93 -18.90
N THR A 151 6.00 5.39 -18.77
CA THR A 151 4.92 4.46 -18.43
C THR A 151 4.76 3.58 -19.67
N LYS A 152 4.18 2.41 -19.50
CA LYS A 152 3.95 1.55 -20.66
C LYS A 152 2.64 1.99 -21.29
N GLY A 153 1.71 2.44 -20.46
CA GLY A 153 0.41 2.86 -20.94
C GLY A 153 -0.22 1.73 -21.75
N GLU A 154 -1.02 2.10 -22.74
CA GLU A 154 -1.67 1.12 -23.61
C GLU A 154 -1.38 1.56 -25.04
N ALA A 155 -0.90 0.63 -25.86
CA ALA A 155 -0.56 0.95 -27.24
C ALA A 155 -1.64 0.59 -28.25
N GLY A 156 -1.72 1.39 -29.31
CA GLY A 156 -2.68 1.14 -30.39
C GLY A 156 -4.16 1.28 -30.07
N THR A 157 -4.50 2.05 -29.05
CA THR A 157 -5.90 2.21 -28.70
C THR A 157 -6.31 3.67 -28.56
N GLY A 158 -5.37 4.50 -28.14
CA GLY A 158 -5.68 5.91 -27.94
C GLY A 158 -6.41 6.12 -26.63
N ASN A 159 -6.43 5.08 -25.79
CA ASN A 159 -7.08 5.15 -24.48
C ASN A 159 -6.01 5.44 -23.43
N VAL A 160 -6.15 6.59 -22.77
CA VAL A 160 -5.19 7.05 -21.76
C VAL A 160 -5.29 6.36 -20.39
N VAL A 161 -6.33 5.56 -20.19
CA VAL A 161 -6.56 4.90 -18.91
C VAL A 161 -5.37 4.17 -18.29
N GLU A 162 -4.61 3.42 -19.08
CA GLU A 162 -3.48 2.69 -18.51
C GLU A 162 -2.31 3.60 -18.15
N ALA A 163 -2.08 4.64 -18.94
CA ALA A 163 -1.00 5.58 -18.65
C ALA A 163 -1.30 6.25 -17.31
N VAL A 164 -2.57 6.56 -17.10
CA VAL A 164 -3.01 7.19 -15.86
C VAL A 164 -2.73 6.23 -14.70
N ARG A 165 -3.09 4.96 -14.88
CA ARG A 165 -2.85 3.98 -13.81
C ARG A 165 -1.37 3.84 -13.48
N HIS A 166 -0.53 3.74 -14.50
CA HIS A 166 0.91 3.59 -14.30
C HIS A 166 1.53 4.82 -13.65
N ALA A 167 1.12 6.00 -14.11
CA ALA A 167 1.64 7.23 -13.56
C ALA A 167 1.24 7.35 -12.09
N ARG A 168 -0.04 7.13 -11.80
CA ARG A 168 -0.51 7.22 -10.43
C ARG A 168 0.12 6.15 -9.54
N THR A 169 0.28 4.95 -10.08
CA THR A 169 0.84 3.86 -9.31
C THR A 169 2.31 4.10 -8.98
N MET A 170 3.10 4.49 -9.98
CA MET A 170 4.49 4.75 -9.70
C MET A 170 4.63 5.82 -8.63
N TRP A 171 3.85 6.89 -8.72
CA TRP A 171 3.95 7.94 -7.73
C TRP A 171 3.42 7.56 -6.34
N LYS A 172 2.36 6.77 -6.28
CA LYS A 172 1.84 6.34 -4.99
C LYS A 172 2.92 5.53 -4.28
N GLU A 173 3.58 4.67 -5.05
CA GLU A 173 4.63 3.81 -4.49
C GLU A 173 5.86 4.61 -4.08
N ILE A 174 6.24 5.60 -4.89
CA ILE A 174 7.38 6.44 -4.55
C ILE A 174 7.11 7.20 -3.26
N ARG A 175 5.94 7.83 -3.17
CA ARG A 175 5.61 8.59 -1.98
C ARG A 175 5.46 7.66 -0.77
N TYR A 176 4.99 6.44 -0.99
CA TYR A 176 4.85 5.48 0.10
C TYR A 176 6.23 5.09 0.62
N VAL A 177 7.15 4.78 -0.29
CA VAL A 177 8.50 4.41 0.07
C VAL A 177 9.13 5.51 0.93
N GLN A 178 8.94 6.77 0.52
CA GLN A 178 9.47 7.89 1.28
C GLN A 178 8.84 7.98 2.67
N SER A 179 7.58 7.55 2.78
CA SER A 179 6.86 7.59 4.06
C SER A 179 7.20 6.46 5.01
N LEU A 180 7.74 5.36 4.48
CA LEU A 180 8.07 4.21 5.31
C LEU A 180 9.22 4.42 6.29
N ARG A 181 9.21 3.65 7.37
CA ARG A 181 10.29 3.70 8.35
C ARG A 181 11.46 3.01 7.66
N GLU A 182 12.68 3.36 8.03
CA GLU A 182 13.83 2.73 7.42
C GLU A 182 13.81 1.21 7.65
N ASP A 183 13.26 0.77 8.79
CA ASP A 183 13.24 -0.66 9.06
C ASP A 183 12.15 -1.44 8.32
N GLU A 184 11.35 -0.74 7.52
CA GLU A 184 10.27 -1.39 6.78
C GLU A 184 10.55 -1.47 5.28
N LEU A 185 11.68 -0.90 4.86
CA LEU A 185 12.04 -0.86 3.44
C LEU A 185 12.36 -2.22 2.80
N MET A 186 13.09 -3.09 3.49
CA MET A 186 13.42 -4.39 2.91
C MET A 186 12.17 -5.22 2.59
N ALA A 187 11.24 -5.27 3.52
CA ALA A 187 10.02 -6.05 3.31
C ALA A 187 9.26 -5.53 2.08
N TYR A 188 9.21 -4.21 1.93
CA TYR A 188 8.51 -3.63 0.80
C TYR A 188 9.27 -3.89 -0.50
N ALA A 189 10.59 -3.75 -0.47
CA ALA A 189 11.40 -3.98 -1.66
C ALA A 189 11.15 -5.41 -2.13
N LYS A 190 11.10 -6.35 -1.20
CA LYS A 190 10.86 -7.75 -1.56
C LYS A 190 9.47 -7.90 -2.17
N GLU A 191 8.50 -7.23 -1.53
CA GLU A 191 7.12 -7.28 -1.98
C GLU A 191 6.95 -6.86 -3.44
N ILE A 192 7.58 -5.75 -3.82
CA ILE A 192 7.46 -5.26 -5.18
C ILE A 192 8.57 -5.72 -6.14
N GLY A 193 9.49 -6.54 -5.64
CA GLY A 193 10.57 -7.04 -6.48
C GLY A 193 11.51 -5.93 -6.94
N ALA A 194 11.74 -4.96 -6.07
CA ALA A 194 12.62 -3.85 -6.40
C ALA A 194 14.00 -3.95 -5.78
N PRO A 195 15.04 -3.58 -6.54
CA PRO A 195 16.41 -3.63 -6.02
C PRO A 195 16.43 -2.81 -4.73
N PHE A 196 16.90 -3.43 -3.65
CA PHE A 196 16.93 -2.79 -2.33
C PHE A 196 17.68 -1.47 -2.21
N GLU A 197 18.89 -1.38 -2.77
CA GLU A 197 19.65 -0.14 -2.66
C GLU A 197 18.95 1.03 -3.35
N LEU A 198 18.23 0.76 -4.44
CA LEU A 198 17.51 1.82 -5.12
C LEU A 198 16.26 2.20 -4.33
N VAL A 199 15.67 1.23 -3.64
CA VAL A 199 14.50 1.52 -2.82
C VAL A 199 14.94 2.48 -1.72
N LYS A 200 16.11 2.23 -1.15
CA LYS A 200 16.63 3.11 -0.12
C LYS A 200 16.91 4.50 -0.70
N TRP A 201 17.37 4.54 -1.96
CA TRP A 201 17.65 5.81 -2.61
C TRP A 201 16.35 6.59 -2.77
N VAL A 202 15.30 5.91 -3.21
CA VAL A 202 14.01 6.54 -3.40
C VAL A 202 13.45 7.02 -2.06
N HIS A 203 13.68 6.25 -1.00
CA HIS A 203 13.22 6.65 0.33
C HIS A 203 13.84 7.98 0.75
N ASP A 204 15.12 8.15 0.46
CA ASP A 204 15.84 9.37 0.84
C ASP A 204 15.52 10.58 -0.03
N HIS A 205 15.19 10.35 -1.29
CA HIS A 205 14.93 11.46 -2.22
C HIS A 205 13.47 11.74 -2.59
N GLY A 206 12.59 10.77 -2.43
CA GLY A 206 11.19 10.98 -2.75
C GLY A 206 10.86 11.19 -4.23
N ARG A 207 11.64 10.57 -5.10
CA ARG A 207 11.43 10.68 -6.54
C ARG A 207 12.22 9.58 -7.22
N LEU A 208 12.02 9.43 -8.53
CA LEU A 208 12.76 8.44 -9.29
C LEU A 208 14.11 9.08 -9.59
N PRO A 209 15.20 8.29 -9.62
CA PRO A 209 16.53 8.84 -9.90
C PRO A 209 16.73 9.37 -11.33
N VAL A 210 15.81 9.01 -12.22
CA VAL A 210 15.89 9.48 -13.61
C VAL A 210 14.55 10.04 -14.07
N VAL A 211 14.59 10.77 -15.18
CA VAL A 211 13.40 11.38 -15.76
C VAL A 211 12.35 10.30 -16.07
N ASN A 212 11.09 10.62 -15.81
CA ASN A 212 9.98 9.69 -16.00
C ASN A 212 8.91 10.32 -16.89
N PHE A 213 8.74 9.77 -18.09
CA PHE A 213 7.77 10.28 -19.06
C PHE A 213 6.52 9.41 -19.16
N ALA A 214 5.42 10.04 -19.59
CA ALA A 214 4.17 9.33 -19.80
C ALA A 214 4.20 8.86 -21.25
N ALA A 215 3.61 7.71 -21.52
CA ALA A 215 3.58 7.17 -22.87
C ALA A 215 2.51 6.10 -23.03
N GLY A 216 1.96 5.99 -24.23
CA GLY A 216 0.95 4.99 -24.50
C GLY A 216 -0.48 5.42 -24.25
N GLY A 217 -1.16 5.85 -25.30
CA GLY A 217 -2.54 6.25 -25.17
C GLY A 217 -2.81 7.74 -25.02
N ILE A 218 -1.76 8.56 -25.14
CA ILE A 218 -1.91 10.00 -25.02
C ILE A 218 -2.41 10.47 -26.39
N ALA A 219 -3.70 10.74 -26.50
CA ALA A 219 -4.29 11.11 -27.77
C ALA A 219 -4.70 12.57 -27.94
N THR A 220 -4.97 13.26 -26.84
CA THR A 220 -5.41 14.64 -26.94
C THR A 220 -4.60 15.59 -26.07
N PRO A 221 -4.70 16.90 -26.35
CA PRO A 221 -3.96 17.85 -25.52
C PRO A 221 -4.36 17.66 -24.06
N ALA A 222 -5.65 17.39 -23.82
CA ALA A 222 -6.12 17.19 -22.46
C ALA A 222 -5.39 16.01 -21.80
N ASP A 223 -5.17 14.94 -22.58
CA ASP A 223 -4.47 13.76 -22.06
C ASP A 223 -3.04 14.11 -21.67
N ALA A 224 -2.35 14.85 -22.54
CA ALA A 224 -0.97 15.22 -22.29
C ALA A 224 -0.84 16.06 -21.02
N ALA A 225 -1.71 17.05 -20.88
CA ALA A 225 -1.68 17.91 -19.70
C ALA A 225 -2.03 17.10 -18.45
N LEU A 226 -2.92 16.13 -18.59
CA LEU A 226 -3.31 15.29 -17.47
C LEU A 226 -2.09 14.57 -16.90
N MET A 227 -1.27 14.03 -17.79
CA MET A 227 -0.08 13.30 -17.35
C MET A 227 0.88 14.22 -16.59
N MET A 228 0.96 15.49 -16.99
CA MET A 228 1.83 16.41 -16.29
C MET A 228 1.28 16.69 -14.89
N HIS A 229 -0.04 16.79 -14.77
CA HIS A 229 -0.65 17.03 -13.47
C HIS A 229 -0.41 15.83 -12.57
N LEU A 230 -0.28 14.65 -13.18
CA LEU A 230 -0.03 13.43 -12.41
C LEU A 230 1.44 13.25 -12.03
N GLY A 231 2.25 14.27 -12.26
CA GLY A 231 3.66 14.21 -11.88
C GLY A 231 4.68 13.69 -12.86
N MET A 232 4.30 13.51 -14.12
CA MET A 232 5.25 13.02 -15.11
C MET A 232 6.10 14.18 -15.62
N ASP A 233 7.28 13.88 -16.16
CA ASP A 233 8.19 14.92 -16.63
C ASP A 233 8.01 15.34 -18.09
N GLY A 234 7.13 14.65 -18.79
CA GLY A 234 6.89 14.96 -20.19
C GLY A 234 6.11 13.82 -20.79
N VAL A 235 5.91 13.84 -22.10
CA VAL A 235 5.16 12.77 -22.74
C VAL A 235 5.72 12.34 -24.09
N PHE A 236 5.44 11.10 -24.43
CA PHE A 236 5.81 10.51 -25.73
C PHE A 236 4.45 10.40 -26.43
N VAL A 237 4.36 10.81 -27.69
CA VAL A 237 3.11 10.71 -28.44
C VAL A 237 3.35 10.01 -29.79
N GLY A 238 2.34 9.26 -30.24
CA GLY A 238 2.45 8.53 -31.48
C GLY A 238 2.31 9.32 -32.77
N SER A 239 2.55 8.64 -33.88
CA SER A 239 2.49 9.27 -35.20
C SER A 239 1.06 9.57 -35.65
N GLY A 240 0.08 9.27 -34.80
CA GLY A 240 -1.30 9.53 -35.14
C GLY A 240 -1.53 11.00 -35.42
N ILE A 241 -0.62 11.83 -34.94
CA ILE A 241 -0.70 13.27 -35.13
C ILE A 241 -0.63 13.62 -36.61
N PHE A 242 0.06 12.78 -37.37
CA PHE A 242 0.25 12.99 -38.81
C PHE A 242 -0.79 12.31 -39.68
N LYS A 243 -1.98 12.07 -39.12
CA LYS A 243 -3.05 11.42 -39.86
C LYS A 243 -4.42 11.94 -39.43
N SER A 244 -4.42 12.98 -38.61
CA SER A 244 -5.65 13.57 -38.11
C SER A 244 -6.29 14.49 -39.14
N GLY A 245 -5.61 15.59 -39.44
CA GLY A 245 -6.09 16.55 -40.41
C GLY A 245 -5.06 17.63 -40.65
N ASP A 246 -4.69 18.33 -39.58
CA ASP A 246 -3.69 19.39 -39.65
C ASP A 246 -2.53 18.94 -38.76
N PRO A 247 -1.58 18.18 -39.33
CA PRO A 247 -0.42 17.69 -38.58
C PRO A 247 0.29 18.74 -37.75
N ARG A 248 0.49 19.92 -38.34
CA ARG A 248 1.18 20.99 -37.64
C ARG A 248 0.38 21.48 -36.44
N LYS A 249 -0.92 21.68 -36.63
CA LYS A 249 -1.80 22.16 -35.55
C LYS A 249 -1.89 21.18 -34.39
N ARG A 250 -2.08 19.91 -34.71
CA ARG A 250 -2.20 18.85 -33.71
C ARG A 250 -0.92 18.72 -32.89
N ALA A 251 0.21 18.66 -33.58
CA ALA A 251 1.50 18.54 -32.90
C ALA A 251 1.73 19.74 -32.00
N ARG A 252 1.47 20.93 -32.51
CA ARG A 252 1.66 22.15 -31.74
C ARG A 252 0.76 22.18 -30.51
N ALA A 253 -0.45 21.66 -30.65
CA ALA A 253 -1.41 21.63 -29.55
C ALA A 253 -0.90 20.82 -28.36
N ILE A 254 -0.31 19.67 -28.65
CA ILE A 254 0.22 18.81 -27.59
C ILE A 254 1.42 19.49 -26.93
N VAL A 255 2.30 20.07 -27.72
CA VAL A 255 3.46 20.75 -27.18
C VAL A 255 3.04 21.86 -26.24
N ARG A 256 2.08 22.68 -26.66
CA ARG A 256 1.62 23.77 -25.81
C ARG A 256 0.87 23.29 -24.58
N ALA A 257 0.13 22.19 -24.72
CA ALA A 257 -0.62 21.64 -23.59
C ALA A 257 0.33 21.19 -22.49
N VAL A 258 1.45 20.61 -22.89
CA VAL A 258 2.44 20.15 -21.92
C VAL A 258 3.18 21.33 -21.28
N ALA A 259 3.52 22.31 -22.11
CA ALA A 259 4.24 23.48 -21.63
C ALA A 259 3.40 24.36 -20.71
N HIS A 260 2.08 24.30 -20.89
CA HIS A 260 1.16 25.11 -20.09
C HIS A 260 0.04 24.26 -19.50
N TYR A 261 0.41 23.10 -18.97
CA TYR A 261 -0.57 22.18 -18.43
C TYR A 261 -1.46 22.69 -17.30
N ASN A 262 -1.02 23.74 -16.61
CA ASN A 262 -1.84 24.28 -15.53
C ASN A 262 -2.64 25.52 -15.93
N ASP A 263 -2.75 25.76 -17.23
CA ASP A 263 -3.50 26.92 -17.72
C ASP A 263 -4.74 26.45 -18.49
N PRO A 264 -5.90 26.40 -17.83
CA PRO A 264 -7.15 25.98 -18.45
C PRO A 264 -7.47 26.68 -19.77
N GLU A 265 -7.20 27.98 -19.82
CA GLU A 265 -7.46 28.77 -21.02
C GLU A 265 -6.61 28.34 -22.20
N VAL A 266 -5.33 28.09 -21.97
CA VAL A 266 -4.47 27.64 -23.06
C VAL A 266 -4.94 26.26 -23.50
N LEU A 267 -5.26 25.40 -22.56
CA LEU A 267 -5.72 24.06 -22.89
C LEU A 267 -7.01 24.09 -23.72
N ALA A 268 -7.93 24.97 -23.36
CA ALA A 268 -9.18 25.10 -24.09
C ALA A 268 -8.89 25.61 -25.51
N GLU A 269 -8.02 26.60 -25.59
CA GLU A 269 -7.64 27.20 -26.86
C GLU A 269 -7.08 26.19 -27.86
N VAL A 270 -6.09 25.42 -27.42
CA VAL A 270 -5.46 24.45 -28.31
C VAL A 270 -6.31 23.21 -28.61
N SER A 271 -7.36 23.01 -27.83
CA SER A 271 -8.25 21.86 -28.05
C SER A 271 -9.36 22.18 -29.04
N GLU A 272 -9.59 23.45 -29.30
CA GLU A 272 -10.67 23.85 -30.20
C GLU A 272 -10.41 23.59 -31.68
N ASP A 273 -11.43 23.07 -32.36
CA ASP A 273 -11.37 22.77 -33.79
C ASP A 273 -10.06 22.08 -34.13
N LEU A 274 -9.73 21.05 -33.36
CA LEU A 274 -8.49 20.30 -33.54
C LEU A 274 -8.65 19.09 -34.45
N GLY A 275 -9.88 18.77 -34.81
CA GLY A 275 -10.13 17.63 -35.67
C GLY A 275 -10.14 16.32 -34.89
N GLU A 276 -10.35 15.21 -35.60
CA GLU A 276 -10.38 13.90 -34.97
C GLU A 276 -8.97 13.36 -34.69
N PRO A 277 -8.76 12.77 -33.50
CA PRO A 277 -7.47 12.22 -33.10
C PRO A 277 -7.13 10.90 -33.79
N MET A 278 -5.90 10.78 -34.27
CA MET A 278 -5.43 9.58 -34.96
C MET A 278 -6.23 9.29 -36.22
N MET B 5 26.74 10.88 -14.15
CA MET B 5 26.19 9.70 -13.44
C MET B 5 26.44 9.77 -11.94
N GLU B 6 25.44 9.35 -11.16
CA GLU B 6 25.54 9.38 -9.71
C GLU B 6 26.16 8.11 -9.14
N LYS B 7 26.99 8.26 -8.13
CA LYS B 7 27.67 7.12 -7.49
C LYS B 7 27.01 6.73 -6.18
N GLY B 8 26.33 5.58 -6.20
CA GLY B 8 25.68 5.11 -4.99
C GLY B 8 26.62 4.23 -4.18
N THR B 9 26.31 4.06 -2.90
CA THR B 9 27.15 3.24 -2.04
C THR B 9 26.32 2.38 -1.10
N PHE B 10 26.93 1.31 -0.63
CA PHE B 10 26.29 0.41 0.33
C PHE B 10 27.41 -0.32 1.05
N GLN B 11 27.07 -0.94 2.17
CA GLN B 11 28.08 -1.65 2.95
C GLN B 11 27.75 -3.12 3.12
N ILE B 12 28.74 -3.85 3.63
CA ILE B 12 28.61 -5.27 3.95
C ILE B 12 29.40 -5.40 5.26
N LYS B 13 28.79 -5.91 6.32
CA LYS B 13 29.49 -6.06 7.58
C LYS B 13 30.39 -7.28 7.56
N THR B 14 31.61 -7.09 7.06
CA THR B 14 32.58 -8.17 6.95
C THR B 14 33.64 -8.15 8.05
N GLY B 15 34.34 -9.28 8.19
CA GLY B 15 35.40 -9.42 9.17
C GLY B 15 35.06 -9.68 10.63
N PHE B 16 33.78 -9.77 10.96
CA PHE B 16 33.36 -10.00 12.34
C PHE B 16 33.35 -11.45 12.81
N ALA B 17 33.17 -12.39 11.89
CA ALA B 17 33.09 -13.79 12.26
C ALA B 17 34.23 -14.68 11.78
N GLU B 18 35.19 -14.11 11.04
CA GLU B 18 36.30 -14.89 10.54
C GLU B 18 37.05 -15.64 11.65
N MET B 19 37.04 -15.08 12.85
CA MET B 19 37.72 -15.71 13.98
C MET B 19 37.10 -17.04 14.37
N PHE B 20 35.89 -17.32 13.89
CA PHE B 20 35.21 -18.56 14.22
C PHE B 20 35.40 -19.67 13.19
N LYS B 21 35.99 -19.34 12.05
CA LYS B 21 36.18 -20.32 10.98
C LYS B 21 36.89 -21.57 11.47
N GLY B 22 36.35 -22.72 11.09
CA GLY B 22 36.92 -23.99 11.48
C GLY B 22 36.56 -24.38 12.92
N GLY B 23 35.62 -23.64 13.51
CA GLY B 23 35.24 -23.91 14.88
C GLY B 23 33.79 -24.31 15.13
N VAL B 24 33.51 -24.56 16.41
CA VAL B 24 32.19 -24.97 16.87
C VAL B 24 31.67 -24.00 17.92
N ILE B 25 30.42 -23.58 17.78
CA ILE B 25 29.81 -22.68 18.75
C ILE B 25 28.75 -23.52 19.45
N MET B 26 28.79 -23.55 20.78
CA MET B 26 27.90 -24.37 21.57
C MET B 26 26.86 -23.65 22.42
N ASP B 27 25.62 -24.15 22.41
CA ASP B 27 24.54 -23.60 23.22
C ASP B 27 24.83 -24.01 24.66
N VAL B 28 24.69 -23.06 25.60
CA VAL B 28 24.92 -23.35 27.01
C VAL B 28 23.87 -22.64 27.86
N THR B 29 23.40 -23.32 28.91
CA THR B 29 22.39 -22.73 29.79
C THR B 29 22.92 -22.37 31.17
N THR B 30 24.14 -22.78 31.47
CA THR B 30 24.72 -22.48 32.77
C THR B 30 26.20 -22.15 32.62
N PRO B 31 26.78 -21.47 33.62
CA PRO B 31 28.20 -21.12 33.55
C PRO B 31 29.03 -22.40 33.51
N GLU B 32 28.52 -23.46 34.17
CA GLU B 32 29.21 -24.73 34.21
C GLU B 32 29.34 -25.34 32.82
N GLN B 33 28.28 -25.25 32.03
CA GLN B 33 28.32 -25.79 30.68
C GLN B 33 29.24 -24.92 29.82
N ALA B 34 29.20 -23.61 30.06
CA ALA B 34 30.05 -22.68 29.32
C ALA B 34 31.51 -23.06 29.54
N VAL B 35 31.87 -23.37 30.77
CA VAL B 35 33.24 -23.75 31.10
C VAL B 35 33.64 -25.04 30.35
N ILE B 36 32.72 -26.00 30.32
CA ILE B 36 32.96 -27.26 29.63
C ILE B 36 33.15 -27.04 28.12
N ALA B 37 32.33 -26.16 27.56
CA ALA B 37 32.41 -25.86 26.13
C ALA B 37 33.76 -25.24 25.79
N GLU B 38 34.20 -24.29 26.61
CA GLU B 38 35.47 -23.63 26.37
C GLU B 38 36.63 -24.61 26.52
N GLU B 39 36.56 -25.48 27.51
CA GLU B 39 37.63 -26.46 27.73
C GLU B 39 37.66 -27.48 26.59
N ALA B 40 36.50 -27.74 26.00
CA ALA B 40 36.39 -28.69 24.90
C ALA B 40 36.91 -28.08 23.59
N GLY B 41 37.10 -26.77 23.57
CA GLY B 41 37.61 -26.12 22.37
C GLY B 41 36.61 -25.33 21.54
N ALA B 42 35.44 -25.03 22.10
CA ALA B 42 34.46 -24.24 21.36
C ALA B 42 35.06 -22.86 21.10
N VAL B 43 34.73 -22.26 19.96
CA VAL B 43 35.25 -20.93 19.65
C VAL B 43 34.37 -19.83 20.22
N ALA B 44 33.17 -20.20 20.66
CA ALA B 44 32.23 -19.27 21.26
C ALA B 44 31.08 -20.07 21.85
N VAL B 45 30.30 -19.43 22.71
CA VAL B 45 29.15 -20.09 23.30
C VAL B 45 27.91 -19.24 23.06
N MET B 46 26.77 -19.91 22.98
CA MET B 46 25.48 -19.26 22.77
C MET B 46 24.72 -19.39 24.09
N ALA B 47 24.65 -18.28 24.83
CA ALA B 47 23.98 -18.28 26.14
C ALA B 47 22.46 -18.36 26.02
N LEU B 48 21.87 -19.28 26.77
CA LEU B 48 20.42 -19.50 26.78
C LEU B 48 19.92 -19.75 28.21
N GLU B 49 18.86 -19.06 28.60
CA GLU B 49 18.30 -19.24 29.93
C GLU B 49 17.52 -20.55 29.95
N ARG B 50 16.93 -20.87 28.80
CA ARG B 50 16.16 -22.09 28.61
C ARG B 50 16.27 -22.51 27.15
N VAL B 51 16.17 -23.80 26.89
CA VAL B 51 16.26 -24.30 25.53
C VAL B 51 15.01 -23.95 24.75
N PRO B 52 15.14 -23.11 23.70
CA PRO B 52 14.01 -22.69 22.88
C PRO B 52 13.18 -23.86 22.36
N ALA B 53 13.86 -24.90 21.88
CA ALA B 53 13.19 -26.09 21.36
C ALA B 53 12.22 -26.68 22.39
N ASP B 54 12.62 -26.64 23.65
CA ASP B 54 11.79 -27.17 24.74
C ASP B 54 10.56 -26.29 24.97
N ILE B 55 10.75 -24.99 24.87
CA ILE B 55 9.67 -24.03 25.08
C ILE B 55 8.60 -24.12 24.01
N ARG B 56 9.01 -24.15 22.74
CA ARG B 56 8.05 -24.22 21.64
C ARG B 56 7.35 -25.57 21.62
N ALA B 57 8.04 -26.61 22.10
CA ALA B 57 7.46 -27.95 22.16
C ALA B 57 6.33 -27.95 23.16
N GLN B 58 6.44 -27.06 24.15
CA GLN B 58 5.44 -26.93 25.20
C GLN B 58 4.39 -25.89 24.82
N GLY B 59 4.58 -25.26 23.67
CA GLY B 59 3.64 -24.26 23.19
C GLY B 59 3.78 -22.92 23.90
N GLY B 60 4.97 -22.64 24.43
CA GLY B 60 5.18 -21.38 25.12
C GLY B 60 5.85 -20.35 24.25
N VAL B 61 6.14 -19.19 24.82
CA VAL B 61 6.81 -18.12 24.08
C VAL B 61 8.28 -18.05 24.49
N ALA B 62 9.17 -18.13 23.51
CA ALA B 62 10.61 -18.08 23.77
C ALA B 62 11.11 -16.68 23.45
N ARG B 63 11.76 -16.05 24.42
CA ARG B 63 12.24 -14.69 24.24
C ARG B 63 13.71 -14.53 24.59
N MET B 64 14.17 -13.29 24.59
CA MET B 64 15.54 -12.98 24.96
C MET B 64 15.72 -13.50 26.39
N SER B 65 16.92 -14.01 26.70
CA SER B 65 17.19 -14.53 28.04
C SER B 65 17.45 -13.39 29.02
N ASP B 66 17.19 -13.67 30.29
CA ASP B 66 17.40 -12.67 31.33
C ASP B 66 18.88 -12.27 31.36
N PRO B 67 19.17 -10.96 31.34
CA PRO B 67 20.54 -10.46 31.36
C PRO B 67 21.38 -11.09 32.48
N LYS B 68 20.72 -11.42 33.59
CA LYS B 68 21.42 -12.00 34.73
C LYS B 68 22.17 -13.28 34.36
N ILE B 69 21.50 -14.21 33.68
CA ILE B 69 22.13 -15.45 33.28
C ILE B 69 23.16 -15.27 32.18
N ILE B 70 22.91 -14.33 31.27
CA ILE B 70 23.86 -14.07 30.20
C ILE B 70 25.16 -13.54 30.80
N LYS B 71 25.03 -12.59 31.73
CA LYS B 71 26.20 -12.02 32.39
C LYS B 71 26.98 -13.07 33.16
N GLU B 72 26.28 -14.00 33.80
CA GLU B 72 26.94 -15.06 34.56
C GLU B 72 27.79 -15.92 33.63
N ILE B 73 27.29 -16.16 32.43
CA ILE B 73 28.03 -16.96 31.45
C ILE B 73 29.21 -16.15 30.92
N MET B 74 29.00 -14.86 30.71
CA MET B 74 30.07 -14.00 30.22
C MET B 74 31.23 -13.96 31.21
N ALA B 75 30.90 -14.02 32.50
CA ALA B 75 31.93 -13.98 33.54
C ALA B 75 32.64 -15.31 33.74
N ALA B 76 32.07 -16.39 33.19
CA ALA B 76 32.64 -17.72 33.35
C ALA B 76 33.66 -18.14 32.30
N VAL B 77 33.65 -17.52 31.13
CA VAL B 77 34.59 -17.88 30.08
C VAL B 77 35.28 -16.68 29.46
N SER B 78 36.31 -16.96 28.65
CA SER B 78 37.05 -15.90 27.99
C SER B 78 36.74 -15.83 26.50
N ILE B 79 36.14 -16.90 25.97
CA ILE B 79 35.79 -16.93 24.55
C ILE B 79 34.54 -16.07 24.36
N PRO B 80 34.27 -15.66 23.11
CA PRO B 80 33.10 -14.83 22.80
C PRO B 80 31.78 -15.46 23.25
N VAL B 81 30.84 -14.60 23.65
CA VAL B 81 29.53 -15.05 24.09
C VAL B 81 28.44 -14.44 23.22
N MET B 82 27.58 -15.29 22.69
CA MET B 82 26.47 -14.84 21.86
C MET B 82 25.18 -15.07 22.62
N ALA B 83 24.11 -14.39 22.20
CA ALA B 83 22.80 -14.55 22.81
C ALA B 83 21.77 -14.28 21.72
N LYS B 84 20.56 -14.78 21.93
CA LYS B 84 19.50 -14.64 20.95
C LYS B 84 18.43 -13.58 21.22
N VAL B 85 17.81 -13.13 20.13
CA VAL B 85 16.69 -12.19 20.21
C VAL B 85 15.64 -12.70 19.24
N ARG B 86 14.39 -12.34 19.49
CA ARG B 86 13.31 -12.75 18.61
C ARG B 86 13.40 -11.96 17.30
N ILE B 87 12.97 -12.57 16.21
CA ILE B 87 13.01 -11.89 14.93
C ILE B 87 12.27 -10.57 15.03
N GLY B 88 12.94 -9.49 14.60
CA GLY B 88 12.36 -8.17 14.62
C GLY B 88 12.33 -7.45 15.95
N HIS B 89 12.75 -8.11 17.03
CA HIS B 89 12.72 -7.43 18.32
C HIS B 89 13.99 -6.63 18.54
N PHE B 90 14.02 -5.42 17.95
CA PHE B 90 15.20 -4.60 18.04
C PHE B 90 15.49 -4.06 19.44
N VAL B 91 14.49 -4.06 20.33
CA VAL B 91 14.73 -3.58 21.69
C VAL B 91 15.47 -4.68 22.47
N GLU B 92 15.11 -5.94 22.22
CA GLU B 92 15.82 -7.03 22.89
C GLU B 92 17.29 -6.91 22.46
N ALA B 93 17.51 -6.56 21.20
CA ALA B 93 18.87 -6.42 20.68
C ALA B 93 19.58 -5.23 21.35
N MET B 94 18.84 -4.15 21.61
CA MET B 94 19.42 -2.98 22.26
C MET B 94 19.95 -3.40 23.64
N ILE B 95 19.18 -4.24 24.32
CA ILE B 95 19.55 -4.72 25.65
C ILE B 95 20.78 -5.61 25.60
N LEU B 96 20.80 -6.57 24.69
CA LEU B 96 21.95 -7.47 24.58
C LEU B 96 23.21 -6.69 24.26
N GLU B 97 23.08 -5.69 23.39
CA GLU B 97 24.23 -4.87 23.01
C GLU B 97 24.72 -4.09 24.23
N ALA B 98 23.79 -3.57 25.00
CA ALA B 98 24.12 -2.79 26.19
C ALA B 98 24.89 -3.58 27.23
N ILE B 99 24.53 -4.85 27.44
CA ILE B 99 25.21 -5.66 28.44
C ILE B 99 26.55 -6.24 27.94
N GLY B 100 26.87 -5.99 26.67
CA GLY B 100 28.14 -6.44 26.14
C GLY B 100 28.30 -7.80 25.49
N VAL B 101 27.24 -8.37 24.91
CA VAL B 101 27.41 -9.65 24.24
C VAL B 101 28.28 -9.39 23.02
N ASP B 102 28.97 -10.42 22.54
CA ASP B 102 29.86 -10.28 21.40
C ASP B 102 29.17 -10.45 20.04
N PHE B 103 28.03 -11.12 20.05
CA PHE B 103 27.29 -11.38 18.81
C PHE B 103 25.83 -11.63 19.15
N ILE B 104 24.92 -11.17 18.31
CA ILE B 104 23.50 -11.40 18.55
C ILE B 104 22.97 -12.31 17.45
N ASP B 105 22.21 -13.32 17.85
CA ASP B 105 21.61 -14.22 16.88
C ASP B 105 20.12 -13.88 16.78
N GLU B 106 19.72 -13.30 15.66
CA GLU B 106 18.31 -12.97 15.43
C GLU B 106 17.78 -14.33 15.00
N SER B 107 17.27 -15.07 15.97
CA SER B 107 16.84 -16.45 15.79
C SER B 107 15.38 -16.82 15.58
N GLU B 108 15.15 -17.65 14.57
CA GLU B 108 13.82 -18.12 14.26
C GLU B 108 13.40 -19.22 15.23
N VAL B 109 14.33 -19.62 16.11
CA VAL B 109 14.05 -20.65 17.11
C VAL B 109 13.26 -20.02 18.25
N LEU B 110 13.45 -18.71 18.44
CA LEU B 110 12.69 -17.99 19.46
C LEU B 110 11.39 -17.63 18.77
N THR B 111 10.39 -17.18 19.52
CA THR B 111 9.10 -16.82 18.95
C THR B 111 9.19 -15.48 18.23
N PRO B 112 8.97 -15.46 16.90
CA PRO B 112 9.06 -14.19 16.16
C PRO B 112 8.23 -13.06 16.78
N ALA B 113 8.86 -11.88 16.91
CA ALA B 113 8.18 -10.72 17.47
C ALA B 113 7.60 -9.86 16.37
N ASP B 114 8.10 -10.06 15.16
CA ASP B 114 7.64 -9.31 13.99
C ASP B 114 7.64 -10.29 12.84
N GLU B 115 6.46 -10.60 12.31
CA GLU B 115 6.36 -11.55 11.22
C GLU B 115 6.52 -10.92 9.84
N GLU B 116 6.85 -9.64 9.80
CA GLU B 116 7.02 -8.94 8.53
C GLU B 116 8.41 -8.34 8.35
N HIS B 117 9.01 -7.89 9.46
CA HIS B 117 10.31 -7.23 9.38
C HIS B 117 11.37 -7.79 10.31
N HIS B 118 12.60 -7.91 9.79
CA HIS B 118 13.72 -8.36 10.60
C HIS B 118 14.34 -7.08 11.15
N ILE B 119 15.29 -7.22 12.07
CA ILE B 119 15.93 -6.07 12.68
C ILE B 119 16.80 -5.26 11.72
N ASP B 120 16.76 -3.94 11.87
CA ASP B 120 17.56 -3.03 11.05
C ASP B 120 18.94 -3.10 11.72
N LYS B 121 19.70 -4.12 11.36
CA LYS B 121 21.01 -4.36 11.96
C LYS B 121 22.08 -3.29 11.77
N TRP B 122 21.88 -2.39 10.81
CA TRP B 122 22.84 -1.31 10.58
C TRP B 122 22.82 -0.31 11.74
N LYS B 123 21.76 -0.34 12.53
CA LYS B 123 21.60 0.57 13.66
C LYS B 123 22.32 0.10 14.92
N PHE B 124 23.08 -0.98 14.79
CA PHE B 124 23.81 -1.57 15.92
C PHE B 124 25.30 -1.70 15.64
N LYS B 125 26.10 -1.58 16.70
CA LYS B 125 27.54 -1.73 16.59
C LYS B 125 27.83 -3.23 16.69
N VAL B 126 27.14 -3.90 17.58
CA VAL B 126 27.32 -5.34 17.78
C VAL B 126 26.89 -6.11 16.53
N PRO B 127 27.68 -7.11 16.12
CA PRO B 127 27.36 -7.90 14.92
C PRO B 127 26.25 -8.92 15.16
N PHE B 128 25.54 -9.26 14.09
CA PHE B 128 24.44 -10.21 14.13
C PHE B 128 24.67 -11.42 13.24
N VAL B 129 24.15 -12.56 13.66
CA VAL B 129 24.19 -13.76 12.83
C VAL B 129 22.71 -14.01 12.54
N CYS B 130 22.40 -14.35 11.29
CA CYS B 130 21.02 -14.60 10.88
C CYS B 130 20.92 -15.92 10.15
N GLY B 131 19.73 -16.54 10.20
CA GLY B 131 19.52 -17.81 9.54
C GLY B 131 19.08 -17.67 8.10
N ALA B 132 19.30 -18.71 7.31
CA ALA B 132 18.91 -18.72 5.90
C ALA B 132 18.80 -20.16 5.38
N ARG B 133 17.86 -20.38 4.46
CA ARG B 133 17.68 -21.70 3.87
C ARG B 133 18.14 -21.71 2.42
N ASN B 134 18.42 -20.52 1.89
CA ASN B 134 18.87 -20.40 0.50
C ASN B 134 19.60 -19.07 0.30
N LEU B 135 20.15 -18.88 -0.90
CA LEU B 135 20.90 -17.66 -1.18
C LEU B 135 20.07 -16.39 -1.08
N GLY B 136 18.84 -16.42 -1.58
CA GLY B 136 18.00 -15.23 -1.52
C GLY B 136 17.83 -14.73 -0.10
N GLU B 137 17.50 -15.64 0.80
CA GLU B 137 17.31 -15.29 2.20
C GLU B 137 18.61 -14.78 2.80
N ALA B 138 19.72 -15.46 2.49
CA ALA B 138 21.01 -15.05 3.03
C ALA B 138 21.37 -13.63 2.60
N LEU B 139 21.17 -13.33 1.32
CA LEU B 139 21.50 -11.99 0.83
C LEU B 139 20.57 -10.92 1.39
N ARG B 140 19.30 -11.24 1.62
CA ARG B 140 18.41 -10.25 2.21
C ARG B 140 18.88 -9.92 3.63
N ARG B 141 19.28 -10.95 4.39
CA ARG B 141 19.74 -10.71 5.76
C ARG B 141 21.03 -9.89 5.74
N ILE B 142 21.92 -10.18 4.80
CA ILE B 142 23.19 -9.45 4.69
C ILE B 142 22.92 -7.99 4.30
N ALA B 143 21.96 -7.77 3.40
CA ALA B 143 21.63 -6.42 2.99
C ALA B 143 21.10 -5.62 4.18
N GLU B 144 20.52 -6.30 5.15
CA GLU B 144 19.98 -5.64 6.35
C GLU B 144 21.08 -5.36 7.36
N GLY B 145 22.26 -5.92 7.12
CA GLY B 145 23.38 -5.71 8.03
C GLY B 145 23.96 -6.93 8.71
N ALA B 146 23.43 -8.12 8.43
CA ALA B 146 23.94 -9.34 9.06
C ALA B 146 25.45 -9.48 8.83
N ALA B 147 26.16 -9.90 9.87
CA ALA B 147 27.61 -10.07 9.81
C ALA B 147 28.03 -11.54 9.73
N MET B 148 27.03 -12.42 9.76
CA MET B 148 27.29 -13.86 9.70
C MET B 148 25.98 -14.52 9.34
N ILE B 149 26.06 -15.66 8.65
CA ILE B 149 24.87 -16.40 8.27
C ILE B 149 25.01 -17.83 8.77
N ARG B 150 23.89 -18.51 8.97
CA ARG B 150 23.90 -19.89 9.38
C ARG B 150 22.69 -20.54 8.74
N THR B 151 22.78 -21.84 8.47
CA THR B 151 21.64 -22.54 7.90
C THR B 151 20.59 -22.56 8.99
N LYS B 152 19.34 -22.75 8.60
CA LYS B 152 18.28 -22.83 9.60
C LYS B 152 18.20 -24.27 10.07
N GLY B 153 18.47 -25.19 9.15
CA GLY B 153 18.41 -26.60 9.46
C GLY B 153 17.06 -26.94 10.06
N GLU B 154 17.05 -27.93 10.95
CA GLU B 154 15.82 -28.34 11.61
C GLU B 154 16.09 -28.34 13.12
N ALA B 155 15.25 -27.65 13.87
CA ALA B 155 15.42 -27.56 15.32
C ALA B 155 14.62 -28.59 16.11
N GLY B 156 15.23 -29.07 17.20
CA GLY B 156 14.58 -30.02 18.07
C GLY B 156 14.31 -31.42 17.53
N THR B 157 15.18 -31.93 16.66
CA THR B 157 14.98 -33.27 16.11
C THR B 157 16.26 -34.09 16.08
N GLY B 158 17.39 -33.42 15.89
CA GLY B 158 18.66 -34.12 15.82
C GLY B 158 18.84 -34.73 14.44
N ASN B 159 17.99 -34.31 13.50
CA ASN B 159 18.05 -34.80 12.12
C ASN B 159 18.79 -33.77 11.27
N VAL B 160 19.93 -34.16 10.72
CA VAL B 160 20.77 -33.27 9.93
C VAL B 160 20.29 -33.01 8.50
N VAL B 161 19.27 -33.75 8.06
CA VAL B 161 18.78 -33.63 6.69
C VAL B 161 18.49 -32.21 6.17
N GLU B 162 17.91 -31.34 6.98
CA GLU B 162 17.60 -30.00 6.51
C GLU B 162 18.84 -29.12 6.43
N ALA B 163 19.78 -29.32 7.36
CA ALA B 163 21.01 -28.53 7.35
C ALA B 163 21.76 -28.86 6.06
N VAL B 164 21.73 -30.13 5.68
CA VAL B 164 22.38 -30.58 4.45
C VAL B 164 21.71 -29.92 3.25
N ARG B 165 20.39 -29.89 3.24
CA ARG B 165 19.65 -29.27 2.14
C ARG B 165 20.00 -27.79 2.01
N HIS B 166 19.98 -27.07 3.12
CA HIS B 166 20.27 -25.64 3.12
C HIS B 166 21.71 -25.37 2.70
N ALA B 167 22.64 -26.17 3.22
CA ALA B 167 24.05 -25.99 2.88
C ALA B 167 24.25 -26.21 1.39
N ARG B 168 23.76 -27.33 0.87
CA ARG B 168 23.91 -27.65 -0.54
C ARG B 168 23.20 -26.64 -1.44
N THR B 169 22.01 -26.21 -1.02
CA THR B 169 21.23 -25.26 -1.80
C THR B 169 21.93 -23.90 -1.88
N MET B 170 22.37 -23.39 -0.74
CA MET B 170 23.06 -22.10 -0.77
C MET B 170 24.28 -22.17 -1.67
N TRP B 171 25.06 -23.23 -1.58
CA TRP B 171 26.24 -23.34 -2.43
C TRP B 171 25.93 -23.57 -3.90
N LYS B 172 24.90 -24.35 -4.20
CA LYS B 172 24.52 -24.59 -5.60
C LYS B 172 24.16 -23.25 -6.24
N GLU B 173 23.42 -22.43 -5.48
CA GLU B 173 23.00 -21.12 -5.98
C GLU B 173 24.17 -20.15 -6.10
N ILE B 174 25.08 -20.18 -5.14
CA ILE B 174 26.26 -19.31 -5.19
C ILE B 174 27.08 -19.65 -6.43
N ARG B 175 27.36 -20.93 -6.64
CA ARG B 175 28.15 -21.34 -7.79
C ARG B 175 27.40 -21.07 -9.09
N TYR B 176 26.07 -21.18 -9.06
CA TYR B 176 25.28 -20.90 -10.24
C TYR B 176 25.40 -19.41 -10.59
N VAL B 177 25.24 -18.56 -9.58
CA VAL B 177 25.34 -17.12 -9.80
C VAL B 177 26.69 -16.75 -10.40
N GLN B 178 27.75 -17.38 -9.91
CA GLN B 178 29.09 -17.12 -10.42
C GLN B 178 29.18 -17.58 -11.89
N SER B 179 28.44 -18.63 -12.24
CA SER B 179 28.47 -19.17 -13.60
C SER B 179 27.60 -18.41 -14.60
N LEU B 180 26.64 -17.62 -14.12
CA LEU B 180 25.75 -16.90 -15.02
C LEU B 180 26.43 -15.77 -15.79
N ARG B 181 25.86 -15.42 -16.94
CA ARG B 181 26.39 -14.30 -17.73
C ARG B 181 25.96 -13.07 -16.95
N GLU B 182 26.70 -11.97 -17.10
CA GLU B 182 26.34 -10.75 -16.39
C GLU B 182 24.94 -10.28 -16.80
N ASP B 183 24.56 -10.51 -18.04
CA ASP B 183 23.24 -10.07 -18.47
C ASP B 183 22.08 -10.96 -18.00
N GLU B 184 22.41 -12.02 -17.25
CA GLU B 184 21.38 -12.93 -16.75
C GLU B 184 21.17 -12.79 -15.25
N LEU B 185 21.96 -11.94 -14.61
CA LEU B 185 21.88 -11.76 -13.16
C LEU B 185 20.60 -11.11 -12.62
N MET B 186 20.10 -10.08 -13.30
CA MET B 186 18.88 -9.42 -12.82
C MET B 186 17.69 -10.37 -12.78
N ALA B 187 17.51 -11.15 -13.84
CA ALA B 187 16.39 -12.09 -13.89
C ALA B 187 16.49 -13.08 -12.74
N TYR B 188 17.71 -13.55 -12.45
CA TYR B 188 17.87 -14.51 -11.38
C TYR B 188 17.66 -13.86 -10.02
N ALA B 189 18.18 -12.65 -9.86
CA ALA B 189 18.01 -11.93 -8.59
C ALA B 189 16.52 -11.80 -8.30
N LYS B 190 15.74 -11.44 -9.32
CA LYS B 190 14.30 -11.29 -9.13
C LYS B 190 13.66 -12.64 -8.78
N GLU B 191 14.11 -13.69 -9.44
CA GLU B 191 13.59 -15.03 -9.22
C GLU B 191 13.72 -15.49 -7.76
N ILE B 192 14.89 -15.26 -7.15
CA ILE B 192 15.10 -15.68 -5.78
C ILE B 192 14.88 -14.58 -4.74
N GLY B 193 14.44 -13.42 -5.19
CA GLY B 193 14.19 -12.32 -4.28
C GLY B 193 15.43 -11.85 -3.56
N ALA B 194 16.55 -11.81 -4.29
CA ALA B 194 17.81 -11.38 -3.70
C ALA B 194 18.22 -9.98 -4.11
N PRO B 195 18.76 -9.20 -3.16
CA PRO B 195 19.20 -7.84 -3.49
C PRO B 195 20.18 -7.92 -4.64
N PHE B 196 19.91 -7.16 -5.70
CA PHE B 196 20.72 -7.15 -6.91
C PHE B 196 22.21 -6.86 -6.76
N GLU B 197 22.57 -5.81 -6.03
CA GLU B 197 23.98 -5.48 -5.88
C GLU B 197 24.76 -6.60 -5.20
N LEU B 198 24.11 -7.31 -4.28
CA LEU B 198 24.77 -8.42 -3.60
C LEU B 198 24.87 -9.62 -4.53
N VAL B 199 23.89 -9.78 -5.43
CA VAL B 199 23.95 -10.89 -6.39
C VAL B 199 25.16 -10.65 -7.28
N LYS B 200 25.36 -9.40 -7.68
CA LYS B 200 26.51 -9.06 -8.50
C LYS B 200 27.80 -9.35 -7.74
N TRP B 201 27.81 -9.04 -6.43
CA TRP B 201 29.00 -9.28 -5.62
C TRP B 201 29.30 -10.79 -5.61
N VAL B 202 28.28 -11.60 -5.37
CA VAL B 202 28.47 -13.05 -5.33
C VAL B 202 28.94 -13.58 -6.70
N HIS B 203 28.41 -13.00 -7.78
CA HIS B 203 28.81 -13.43 -9.12
C HIS B 203 30.31 -13.21 -9.30
N ASP B 204 30.79 -12.08 -8.82
CA ASP B 204 32.20 -11.71 -8.95
C ASP B 204 33.14 -12.49 -8.02
N HIS B 205 32.67 -12.86 -6.84
CA HIS B 205 33.52 -13.55 -5.87
C HIS B 205 33.32 -15.05 -5.69
N GLY B 206 32.16 -15.55 -6.07
CA GLY B 206 31.90 -16.98 -5.94
C GLY B 206 31.79 -17.50 -4.52
N ARG B 207 31.30 -16.64 -3.62
CA ARG B 207 31.12 -17.01 -2.21
C ARG B 207 30.26 -15.95 -1.54
N LEU B 208 29.89 -16.17 -0.28
CA LEU B 208 29.12 -15.18 0.47
C LEU B 208 30.14 -14.20 1.03
N PRO B 209 29.75 -12.93 1.23
CA PRO B 209 30.67 -11.93 1.77
C PRO B 209 30.93 -12.08 3.27
N VAL B 210 30.20 -12.98 3.93
CA VAL B 210 30.36 -13.21 5.35
C VAL B 210 30.45 -14.70 5.66
N VAL B 211 30.94 -15.02 6.86
CA VAL B 211 31.07 -16.40 7.30
C VAL B 211 29.70 -17.08 7.32
N ASN B 212 29.68 -18.34 6.91
CA ASN B 212 28.44 -19.12 6.83
C ASN B 212 28.61 -20.43 7.60
N PHE B 213 27.84 -20.57 8.69
CA PHE B 213 27.88 -21.75 9.54
C PHE B 213 26.68 -22.67 9.36
N ALA B 214 26.88 -23.96 9.65
CA ALA B 214 25.80 -24.92 9.57
C ALA B 214 25.15 -24.91 10.95
N ALA B 215 23.85 -25.13 11.01
CA ALA B 215 23.14 -25.14 12.28
C ALA B 215 21.81 -25.86 12.18
N GLY B 216 21.40 -26.49 13.28
CA GLY B 216 20.13 -27.20 13.32
C GLY B 216 20.17 -28.65 12.90
N GLY B 217 20.26 -29.56 13.87
CA GLY B 217 20.26 -30.98 13.55
C GLY B 217 21.62 -31.66 13.56
N ILE B 218 22.67 -30.91 13.91
CA ILE B 218 24.01 -31.48 13.97
C ILE B 218 24.10 -32.22 15.30
N ALA B 219 24.01 -33.54 15.25
CA ALA B 219 24.01 -34.35 16.46
C ALA B 219 25.26 -35.20 16.72
N THR B 220 25.99 -35.53 15.67
CA THR B 220 27.17 -36.36 15.83
C THR B 220 28.42 -35.77 15.19
N PRO B 221 29.60 -36.29 15.55
CA PRO B 221 30.83 -35.76 14.96
C PRO B 221 30.75 -35.93 13.44
N ALA B 222 30.18 -37.04 12.98
CA ALA B 222 30.05 -37.28 11.56
C ALA B 222 29.22 -36.18 10.89
N ASP B 223 28.14 -35.76 11.56
CA ASP B 223 27.29 -34.69 11.03
C ASP B 223 28.06 -33.40 10.88
N ALA B 224 28.83 -33.06 11.91
CA ALA B 224 29.61 -31.83 11.89
C ALA B 224 30.64 -31.82 10.76
N ALA B 225 31.36 -32.92 10.60
CA ALA B 225 32.35 -33.00 9.54
C ALA B 225 31.66 -32.96 8.17
N LEU B 226 30.48 -33.58 8.09
CA LEU B 226 29.73 -33.57 6.84
C LEU B 226 29.47 -32.14 6.41
N MET B 227 29.09 -31.29 7.37
CA MET B 227 28.80 -29.89 7.02
C MET B 227 30.04 -29.17 6.52
N MET B 228 31.21 -29.53 7.03
CA MET B 228 32.44 -28.88 6.57
C MET B 228 32.75 -29.32 5.14
N HIS B 229 32.49 -30.59 4.83
CA HIS B 229 32.71 -31.09 3.48
C HIS B 229 31.77 -30.39 2.51
N LEU B 230 30.62 -29.97 3.01
CA LEU B 230 29.64 -29.27 2.18
C LEU B 230 29.91 -27.77 2.03
N GLY B 231 31.10 -27.35 2.44
CA GLY B 231 31.48 -25.95 2.28
C GLY B 231 31.13 -24.95 3.37
N MET B 232 30.69 -25.42 4.52
CA MET B 232 30.36 -24.50 5.60
C MET B 232 31.63 -24.12 6.36
N ASP B 233 31.61 -22.96 7.00
CA ASP B 233 32.78 -22.47 7.73
C ASP B 233 32.91 -22.94 9.17
N GLY B 234 31.89 -23.63 9.66
CA GLY B 234 31.90 -24.12 11.03
C GLY B 234 30.50 -24.56 11.38
N VAL B 235 30.26 -24.88 12.65
CA VAL B 235 28.93 -25.32 13.04
C VAL B 235 28.47 -24.83 14.41
N PHE B 236 27.15 -24.74 14.57
CA PHE B 236 26.53 -24.37 15.83
C PHE B 236 25.93 -25.70 16.31
N VAL B 237 26.10 -26.03 17.58
CA VAL B 237 25.53 -27.26 18.12
C VAL B 237 24.71 -26.96 19.37
N GLY B 238 23.66 -27.74 19.58
CA GLY B 238 22.77 -27.54 20.71
C GLY B 238 23.23 -28.07 22.06
N SER B 239 22.51 -27.67 23.11
CA SER B 239 22.84 -28.09 24.46
C SER B 239 22.63 -29.58 24.72
N GLY B 240 22.16 -30.30 23.71
CA GLY B 240 21.96 -31.73 23.87
C GLY B 240 23.24 -32.39 24.33
N ILE B 241 24.36 -31.76 24.02
CA ILE B 241 25.67 -32.27 24.39
C ILE B 241 25.77 -32.49 25.89
N PHE B 242 25.24 -31.55 26.67
CA PHE B 242 25.29 -31.63 28.13
C PHE B 242 24.10 -32.41 28.69
N LYS B 243 23.46 -33.22 27.85
CA LYS B 243 22.31 -34.01 28.29
C LYS B 243 22.57 -35.49 28.10
N SER B 244 23.82 -35.85 27.82
CA SER B 244 24.19 -37.24 27.62
C SER B 244 25.47 -37.61 28.35
N GLY B 245 25.52 -38.85 28.83
CA GLY B 245 26.66 -39.38 29.56
C GLY B 245 27.75 -38.37 29.90
N ASP B 246 28.85 -38.40 29.15
CA ASP B 246 29.96 -37.49 29.36
C ASP B 246 29.88 -36.37 28.33
N PRO B 247 29.28 -35.23 28.71
CA PRO B 247 29.15 -34.09 27.79
C PRO B 247 30.50 -33.57 27.30
N ARG B 248 31.51 -33.67 28.16
CA ARG B 248 32.85 -33.23 27.81
C ARG B 248 33.39 -34.00 26.62
N LYS B 249 33.12 -35.30 26.56
CA LYS B 249 33.61 -36.14 25.48
C LYS B 249 32.97 -35.85 24.12
N ARG B 250 31.65 -35.74 24.06
CA ARG B 250 31.01 -35.47 22.78
C ARG B 250 31.31 -34.06 22.29
N ALA B 251 31.44 -33.12 23.22
CA ALA B 251 31.76 -31.73 22.87
C ALA B 251 33.13 -31.68 22.20
N ARG B 252 34.10 -32.33 22.83
CA ARG B 252 35.45 -32.36 22.29
C ARG B 252 35.46 -33.11 20.96
N ALA B 253 34.66 -34.17 20.88
CA ALA B 253 34.56 -34.97 19.67
C ALA B 253 34.12 -34.15 18.47
N ILE B 254 33.12 -33.29 18.66
CA ILE B 254 32.63 -32.46 17.57
C ILE B 254 33.67 -31.41 17.18
N VAL B 255 34.34 -30.84 18.16
CA VAL B 255 35.37 -29.83 17.89
C VAL B 255 36.48 -30.46 17.05
N ARG B 256 36.89 -31.67 17.43
CA ARG B 256 37.95 -32.37 16.74
C ARG B 256 37.51 -32.79 15.33
N ALA B 257 36.25 -33.20 15.19
CA ALA B 257 35.74 -33.62 13.89
C ALA B 257 35.71 -32.46 12.91
N VAL B 258 35.38 -31.26 13.40
CA VAL B 258 35.33 -30.09 12.55
C VAL B 258 36.75 -29.65 12.16
N ALA B 259 37.68 -29.79 13.09
CA ALA B 259 39.05 -29.39 12.84
C ALA B 259 39.78 -30.37 11.91
N HIS B 260 39.34 -31.62 11.90
CA HIS B 260 39.96 -32.65 11.05
C HIS B 260 38.89 -33.38 10.25
N TYR B 261 38.00 -32.61 9.64
CA TYR B 261 36.90 -33.20 8.88
C TYR B 261 37.28 -34.06 7.69
N ASN B 262 38.52 -33.93 7.21
CA ASN B 262 38.96 -34.72 6.06
C ASN B 262 39.85 -35.90 6.46
N ASP B 263 39.90 -36.21 7.75
CA ASP B 263 40.73 -37.31 8.24
C ASP B 263 39.84 -38.44 8.76
N PRO B 264 39.63 -39.49 7.94
CA PRO B 264 38.78 -40.64 8.33
C PRO B 264 39.19 -41.30 9.64
N GLU B 265 40.50 -41.41 9.87
CA GLU B 265 41.00 -42.03 11.10
C GLU B 265 40.59 -41.24 12.34
N VAL B 266 40.71 -39.92 12.27
CA VAL B 266 40.34 -39.08 13.39
C VAL B 266 38.83 -39.15 13.60
N LEU B 267 38.07 -39.06 12.50
CA LEU B 267 36.62 -39.12 12.59
C LEU B 267 36.14 -40.42 13.23
N ALA B 268 36.78 -41.54 12.88
CA ALA B 268 36.40 -42.81 13.47
C ALA B 268 36.75 -42.86 14.95
N GLU B 269 37.92 -42.34 15.30
CA GLU B 269 38.37 -42.33 16.67
C GLU B 269 37.43 -41.58 17.60
N VAL B 270 37.11 -40.33 17.26
CA VAL B 270 36.24 -39.52 18.09
C VAL B 270 34.79 -39.99 18.11
N SER B 271 34.42 -40.85 17.17
CA SER B 271 33.06 -41.37 17.11
C SER B 271 32.89 -42.62 17.96
N GLU B 272 34.01 -43.24 18.33
CA GLU B 272 33.96 -44.46 19.12
C GLU B 272 33.62 -44.28 20.60
N ASP B 273 32.77 -45.17 21.11
CA ASP B 273 32.34 -45.14 22.50
C ASP B 273 31.93 -43.73 22.91
N LEU B 274 31.19 -43.06 22.03
CA LEU B 274 30.77 -41.69 22.29
C LEU B 274 29.51 -41.60 23.15
N GLY B 275 28.87 -42.74 23.39
CA GLY B 275 27.67 -42.74 24.21
C GLY B 275 26.41 -42.40 23.43
N GLU B 276 25.28 -42.42 24.13
CA GLU B 276 23.98 -42.12 23.54
C GLU B 276 23.87 -40.70 22.99
N PRO B 277 23.39 -40.56 21.75
CA PRO B 277 23.24 -39.23 21.16
C PRO B 277 21.93 -38.61 21.65
N MET B 278 21.62 -37.40 21.20
CA MET B 278 20.39 -36.74 21.60
C MET B 278 19.18 -37.42 20.97
N THR C 9 -15.77 19.10 9.97
CA THR C 9 -16.79 19.77 9.10
C THR C 9 -16.66 19.34 7.64
N PHE C 10 -17.78 19.33 6.93
CA PHE C 10 -17.79 18.96 5.53
C PHE C 10 -18.81 19.81 4.79
N GLN C 11 -18.85 19.68 3.47
CA GLN C 11 -19.79 20.45 2.67
C GLN C 11 -20.60 19.56 1.72
N ILE C 12 -21.64 20.15 1.15
CA ILE C 12 -22.49 19.49 0.18
C ILE C 12 -22.82 20.56 -0.84
N LYS C 13 -22.48 20.32 -2.09
CA LYS C 13 -22.72 21.30 -3.16
C LYS C 13 -24.19 21.33 -3.57
N THR C 14 -25.00 21.95 -2.72
CA THR C 14 -26.44 22.06 -2.96
C THR C 14 -26.82 23.36 -3.66
N GLY C 15 -28.06 23.43 -4.14
CA GLY C 15 -28.58 24.62 -4.79
C GLY C 15 -28.32 24.83 -6.28
N PHE C 16 -27.52 23.97 -6.89
CA PHE C 16 -27.17 24.13 -8.30
C PHE C 16 -28.11 23.50 -9.33
N ALA C 17 -28.80 22.44 -8.96
CA ALA C 17 -29.67 21.77 -9.91
C ALA C 17 -31.17 21.91 -9.66
N GLU C 18 -31.56 22.55 -8.57
CA GLU C 18 -32.97 22.73 -8.25
C GLU C 18 -33.77 23.36 -9.37
N MET C 19 -33.13 24.21 -10.15
CA MET C 19 -33.80 24.89 -11.26
C MET C 19 -34.28 23.92 -12.33
N PHE C 20 -33.72 22.71 -12.34
CA PHE C 20 -34.09 21.71 -13.33
C PHE C 20 -35.24 20.79 -12.90
N LYS C 21 -35.64 20.87 -11.64
CA LYS C 21 -36.72 20.02 -11.14
C LYS C 21 -37.98 20.07 -11.99
N GLY C 22 -38.54 18.88 -12.25
CA GLY C 22 -39.74 18.78 -13.06
C GLY C 22 -39.49 18.96 -14.54
N GLY C 23 -38.22 18.97 -14.92
CA GLY C 23 -37.88 19.17 -16.33
C GLY C 23 -37.16 18.05 -17.05
N VAL C 24 -36.91 18.30 -18.33
CA VAL C 24 -36.24 17.34 -19.20
C VAL C 24 -34.97 17.95 -19.79
N ILE C 25 -33.87 17.21 -19.71
CA ILE C 25 -32.60 17.66 -20.27
C ILE C 25 -32.36 16.76 -21.47
N MET C 26 -32.10 17.36 -22.64
CA MET C 26 -31.93 16.59 -23.86
C MET C 26 -30.54 16.62 -24.50
N ASP C 27 -30.08 15.45 -24.94
CA ASP C 27 -28.79 15.34 -25.61
C ASP C 27 -28.97 15.98 -26.98
N VAL C 28 -28.01 16.80 -27.40
CA VAL C 28 -28.07 17.44 -28.71
C VAL C 28 -26.68 17.37 -29.35
N THR C 29 -26.64 17.15 -30.66
CA THR C 29 -25.38 17.06 -31.36
C THR C 29 -25.14 18.24 -32.29
N THR C 30 -26.17 19.06 -32.49
CA THR C 30 -26.05 20.22 -33.36
C THR C 30 -26.82 21.41 -32.79
N PRO C 31 -26.53 22.62 -33.30
CA PRO C 31 -27.23 23.81 -32.81
C PRO C 31 -28.71 23.74 -33.16
N GLU C 32 -29.02 23.08 -34.28
CA GLU C 32 -30.40 22.94 -34.72
C GLU C 32 -31.20 22.09 -33.75
N GLN C 33 -30.59 21.01 -33.26
CA GLN C 33 -31.26 20.14 -32.31
C GLN C 33 -31.46 20.88 -30.99
N ALA C 34 -30.46 21.69 -30.63
CA ALA C 34 -30.52 22.46 -29.40
C ALA C 34 -31.71 23.40 -29.43
N VAL C 35 -31.92 24.05 -30.58
CA VAL C 35 -33.04 24.97 -30.73
C VAL C 35 -34.36 24.21 -30.60
N ILE C 36 -34.44 23.05 -31.23
CA ILE C 36 -35.64 22.24 -31.17
C ILE C 36 -35.93 21.84 -29.72
N ALA C 37 -34.88 21.46 -29.00
CA ALA C 37 -35.03 21.06 -27.61
C ALA C 37 -35.53 22.22 -26.75
N GLU C 38 -34.95 23.40 -26.95
CA GLU C 38 -35.35 24.56 -26.19
C GLU C 38 -36.80 24.94 -26.50
N GLU C 39 -37.16 24.94 -27.78
CA GLU C 39 -38.51 25.29 -28.19
C GLU C 39 -39.52 24.28 -27.64
N ALA C 40 -39.07 23.04 -27.45
CA ALA C 40 -39.93 21.97 -26.93
C ALA C 40 -40.18 22.09 -25.43
N GLY C 41 -39.33 22.84 -24.74
CA GLY C 41 -39.52 23.02 -23.30
C GLY C 41 -38.43 22.41 -22.43
N ALA C 42 -37.34 21.95 -23.04
CA ALA C 42 -36.24 21.37 -22.27
C ALA C 42 -35.69 22.41 -21.30
N VAL C 43 -35.28 21.97 -20.10
CA VAL C 43 -34.74 22.89 -19.12
C VAL C 43 -33.23 23.09 -19.29
N ALA C 44 -32.63 22.24 -20.12
CA ALA C 44 -31.20 22.32 -20.40
C ALA C 44 -30.88 21.32 -21.50
N VAL C 45 -29.71 21.46 -22.12
CA VAL C 45 -29.29 20.55 -23.16
C VAL C 45 -27.91 20.00 -22.82
N MET C 46 -27.64 18.78 -23.29
CA MET C 46 -26.36 18.12 -23.07
C MET C 46 -25.68 18.09 -24.44
N ALA C 47 -24.66 18.92 -24.62
CA ALA C 47 -23.96 19.00 -25.89
C ALA C 47 -23.01 17.84 -26.12
N LEU C 48 -23.12 17.22 -27.31
CA LEU C 48 -22.29 16.08 -27.68
C LEU C 48 -21.89 16.20 -29.15
N GLU C 49 -20.62 15.98 -29.45
CA GLU C 49 -20.16 16.06 -30.83
C GLU C 49 -20.55 14.77 -31.55
N ARG C 50 -20.62 13.69 -30.78
CA ARG C 50 -20.98 12.37 -31.30
C ARG C 50 -21.62 11.59 -30.17
N VAL C 51 -22.56 10.70 -30.51
CA VAL C 51 -23.23 9.90 -29.49
C VAL C 51 -22.27 8.86 -28.93
N PRO C 52 -21.93 8.97 -27.63
CA PRO C 52 -21.01 8.04 -26.97
C PRO C 52 -21.37 6.58 -27.19
N ALA C 53 -22.67 6.29 -27.16
CA ALA C 53 -23.14 4.92 -27.36
C ALA C 53 -22.74 4.39 -28.73
N ASP C 54 -22.80 5.26 -29.73
CA ASP C 54 -22.42 4.88 -31.09
C ASP C 54 -20.93 4.60 -31.17
N ILE C 55 -20.14 5.50 -30.59
CA ILE C 55 -18.69 5.36 -30.58
C ILE C 55 -18.29 4.08 -29.84
N ARG C 56 -18.83 3.92 -28.63
CA ARG C 56 -18.54 2.76 -27.81
C ARG C 56 -18.92 1.47 -28.54
N ALA C 57 -20.10 1.48 -29.14
CA ALA C 57 -20.59 0.31 -29.88
C ALA C 57 -19.64 -0.03 -31.02
N GLN C 58 -18.99 1.00 -31.57
CA GLN C 58 -18.06 0.82 -32.67
C GLN C 58 -16.66 0.48 -32.14
N GLY C 59 -16.57 0.28 -30.83
CA GLY C 59 -15.31 -0.06 -30.20
C GLY C 59 -14.29 1.06 -30.11
N GLY C 60 -14.74 2.30 -30.31
CA GLY C 60 -13.84 3.42 -30.25
C GLY C 60 -13.75 4.05 -28.86
N VAL C 61 -12.89 5.06 -28.74
CA VAL C 61 -12.72 5.77 -27.47
C VAL C 61 -13.56 7.03 -27.50
N ALA C 62 -14.46 7.17 -26.54
CA ALA C 62 -15.33 8.34 -26.44
C ALA C 62 -14.75 9.33 -25.43
N ARG C 63 -14.49 10.55 -25.88
CA ARG C 63 -13.90 11.56 -25.01
C ARG C 63 -14.72 12.84 -24.97
N MET C 64 -14.15 13.86 -24.32
CA MET C 64 -14.77 15.19 -24.24
C MET C 64 -14.97 15.65 -25.69
N SER C 65 -16.06 16.37 -25.95
CA SER C 65 -16.32 16.86 -27.30
C SER C 65 -15.45 18.08 -27.59
N ASP C 66 -15.25 18.36 -28.89
CA ASP C 66 -14.44 19.51 -29.30
C ASP C 66 -15.13 20.79 -28.83
N PRO C 67 -14.37 21.70 -28.20
CA PRO C 67 -14.92 22.97 -27.71
C PRO C 67 -15.67 23.75 -28.77
N LYS C 68 -15.27 23.59 -30.03
CA LYS C 68 -15.92 24.30 -31.13
C LYS C 68 -17.40 23.95 -31.22
N ILE C 69 -17.72 22.67 -31.15
CA ILE C 69 -19.09 22.22 -31.23
C ILE C 69 -19.89 22.63 -30.01
N ILE C 70 -19.28 22.53 -28.83
CA ILE C 70 -19.97 22.91 -27.60
C ILE C 70 -20.31 24.40 -27.64
N LYS C 71 -19.36 25.21 -28.10
CA LYS C 71 -19.57 26.65 -28.19
C LYS C 71 -20.69 27.01 -29.15
N GLU C 72 -20.77 26.29 -30.25
CA GLU C 72 -21.81 26.55 -31.25
C GLU C 72 -23.18 26.27 -30.66
N ILE C 73 -23.26 25.27 -29.77
CA ILE C 73 -24.54 24.95 -29.14
C ILE C 73 -24.86 25.99 -28.07
N MET C 74 -23.84 26.44 -27.34
CA MET C 74 -24.04 27.44 -26.30
C MET C 74 -24.57 28.75 -26.88
N ALA C 75 -24.13 29.07 -28.10
CA ALA C 75 -24.56 30.31 -28.75
C ALA C 75 -25.92 30.20 -29.43
N ALA C 76 -26.50 29.00 -29.46
CA ALA C 76 -27.79 28.80 -30.10
C ALA C 76 -29.00 28.81 -29.18
N VAL C 77 -28.77 28.61 -27.88
CA VAL C 77 -29.87 28.59 -26.92
C VAL C 77 -29.61 29.44 -25.69
N SER C 78 -30.67 29.72 -24.94
CA SER C 78 -30.58 30.53 -23.73
C SER C 78 -30.58 29.65 -22.48
N ILE C 79 -31.08 28.42 -22.61
CA ILE C 79 -31.12 27.53 -21.46
C ILE C 79 -29.72 26.99 -21.20
N PRO C 80 -29.47 26.47 -19.98
CA PRO C 80 -28.16 25.94 -19.61
C PRO C 80 -27.67 24.84 -20.54
N VAL C 81 -26.35 24.80 -20.72
CA VAL C 81 -25.74 23.79 -21.57
C VAL C 81 -24.75 22.97 -20.75
N MET C 82 -24.91 21.66 -20.82
CA MET C 82 -24.01 20.75 -20.10
C MET C 82 -23.15 20.03 -21.14
N ALA C 83 -22.05 19.43 -20.68
CA ALA C 83 -21.16 18.68 -21.55
C ALA C 83 -20.52 17.58 -20.70
N LYS C 84 -20.03 16.54 -21.36
CA LYS C 84 -19.45 15.41 -20.64
C LYS C 84 -17.93 15.30 -20.64
N VAL C 85 -17.41 14.64 -19.61
CA VAL C 85 -15.98 14.37 -19.51
C VAL C 85 -15.86 12.91 -19.10
N ARG C 86 -14.71 12.31 -19.38
CA ARG C 86 -14.47 10.92 -19.02
C ARG C 86 -14.24 10.85 -17.51
N ILE C 87 -14.61 9.72 -16.91
CA ILE C 87 -14.42 9.57 -15.48
C ILE C 87 -12.95 9.79 -15.12
N GLY C 88 -12.72 10.65 -14.13
CA GLY C 88 -11.38 10.94 -13.67
C GLY C 88 -10.56 11.89 -14.54
N HIS C 89 -11.10 12.33 -15.67
CA HIS C 89 -10.31 13.21 -16.51
C HIS C 89 -10.53 14.66 -16.09
N PHE C 90 -9.84 15.06 -15.02
CA PHE C 90 -10.01 16.41 -14.51
C PHE C 90 -9.51 17.51 -15.43
N VAL C 91 -8.67 17.17 -16.40
CA VAL C 91 -8.20 18.21 -17.31
C VAL C 91 -9.29 18.50 -18.33
N GLU C 92 -10.02 17.46 -18.76
CA GLU C 92 -11.13 17.70 -19.67
C GLU C 92 -12.10 18.63 -18.95
N ALA C 93 -12.27 18.40 -17.64
CA ALA C 93 -13.16 19.24 -16.85
C ALA C 93 -12.65 20.68 -16.78
N MET C 94 -11.34 20.85 -16.65
CA MET C 94 -10.76 22.19 -16.60
C MET C 94 -11.09 22.94 -17.88
N ILE C 95 -11.05 22.22 -19.00
CA ILE C 95 -11.34 22.80 -20.29
C ILE C 95 -12.81 23.19 -20.42
N LEU C 96 -13.71 22.28 -20.06
CA LEU C 96 -15.13 22.60 -20.15
C LEU C 96 -15.50 23.78 -19.26
N GLU C 97 -14.86 23.86 -18.10
CA GLU C 97 -15.13 24.96 -17.18
C GLU C 97 -14.64 26.28 -17.79
N ALA C 98 -13.47 26.23 -18.41
CA ALA C 98 -12.87 27.41 -19.04
C ALA C 98 -13.72 27.97 -20.18
N ILE C 99 -14.38 27.10 -20.93
CA ILE C 99 -15.20 27.59 -22.04
C ILE C 99 -16.59 28.04 -21.61
N GLY C 100 -16.91 27.84 -20.33
CA GLY C 100 -18.19 28.30 -19.83
C GLY C 100 -19.40 27.39 -19.85
N VAL C 101 -19.22 26.08 -19.79
CA VAL C 101 -20.38 25.19 -19.75
C VAL C 101 -21.04 25.42 -18.40
N ASP C 102 -22.34 25.18 -18.32
CA ASP C 102 -23.08 25.40 -17.07
C ASP C 102 -23.05 24.23 -16.11
N PHE C 103 -22.76 23.04 -16.63
CA PHE C 103 -22.73 21.83 -15.81
C PHE C 103 -21.88 20.79 -16.52
N ILE C 104 -21.15 19.98 -15.75
CA ILE C 104 -20.33 18.93 -16.35
C ILE C 104 -20.83 17.58 -15.88
N ASP C 105 -20.96 16.65 -16.82
CA ASP C 105 -21.41 15.30 -16.51
C ASP C 105 -20.18 14.39 -16.57
N GLU C 106 -19.72 13.93 -15.41
CA GLU C 106 -18.58 13.01 -15.36
C GLU C 106 -19.31 11.71 -15.70
N SER C 107 -19.23 11.35 -16.98
CA SER C 107 -19.99 10.22 -17.51
C SER C 107 -19.35 8.87 -17.78
N GLU C 108 -20.02 7.82 -17.30
CA GLU C 108 -19.55 6.46 -17.50
C GLU C 108 -19.81 6.01 -18.94
N VAL C 109 -20.57 6.81 -19.69
CA VAL C 109 -20.87 6.49 -21.08
C VAL C 109 -19.64 6.80 -21.93
N LEU C 110 -18.83 7.74 -21.48
CA LEU C 110 -17.60 8.06 -22.20
C LEU C 110 -16.61 7.01 -21.67
N THR C 111 -15.49 6.85 -22.36
CA THR C 111 -14.48 5.87 -21.96
C THR C 111 -13.73 6.33 -20.71
N PRO C 112 -13.86 5.59 -19.59
CA PRO C 112 -13.16 6.00 -18.37
C PRO C 112 -11.67 6.30 -18.57
N ALA C 113 -11.22 7.43 -18.03
CA ALA C 113 -9.82 7.82 -18.14
C ALA C 113 -9.04 7.37 -16.91
N ASP C 114 -9.76 7.07 -15.85
CA ASP C 114 -9.15 6.63 -14.60
C ASP C 114 -10.08 5.55 -14.03
N GLU C 115 -9.59 4.33 -13.91
CA GLU C 115 -10.40 3.23 -13.39
C GLU C 115 -10.41 3.17 -11.86
N GLU C 116 -9.69 4.07 -11.22
CA GLU C 116 -9.61 4.05 -9.77
C GLU C 116 -10.15 5.29 -9.07
N HIS C 117 -9.99 6.45 -9.71
CA HIS C 117 -10.41 7.71 -9.09
C HIS C 117 -11.33 8.57 -9.94
N HIS C 118 -12.33 9.15 -9.30
CA HIS C 118 -13.24 10.06 -9.98
C HIS C 118 -12.62 11.44 -9.78
N ILE C 119 -13.17 12.44 -10.46
CA ILE C 119 -12.67 13.80 -10.37
C ILE C 119 -12.88 14.43 -8.99
N ASP C 120 -11.88 15.18 -8.53
CA ASP C 120 -11.96 15.89 -7.25
C ASP C 120 -12.77 17.15 -7.61
N LYS C 121 -14.08 16.98 -7.62
CA LYS C 121 -15.00 18.03 -8.03
C LYS C 121 -15.01 19.30 -7.17
N TRP C 122 -14.49 19.21 -5.95
CA TRP C 122 -14.42 20.37 -5.05
C TRP C 122 -13.46 21.42 -5.60
N LYS C 123 -12.57 21.00 -6.50
CA LYS C 123 -11.57 21.88 -7.10
C LYS C 123 -12.10 22.71 -8.27
N PHE C 124 -13.41 22.62 -8.51
CA PHE C 124 -14.04 23.34 -9.60
C PHE C 124 -15.17 24.23 -9.14
N LYS C 125 -15.39 25.32 -9.86
CA LYS C 125 -16.49 26.23 -9.55
C LYS C 125 -17.74 25.68 -10.23
N VAL C 126 -17.56 25.18 -11.45
CA VAL C 126 -18.68 24.63 -12.22
C VAL C 126 -19.22 23.37 -11.56
N PRO C 127 -20.55 23.24 -11.47
CA PRO C 127 -21.16 22.06 -10.85
C PRO C 127 -21.08 20.81 -11.74
N PHE C 128 -21.09 19.65 -11.08
CA PHE C 128 -21.01 18.35 -11.76
C PHE C 128 -22.22 17.46 -11.48
N VAL C 129 -22.58 16.65 -12.46
CA VAL C 129 -23.62 15.65 -12.27
C VAL C 129 -22.90 14.32 -12.47
N CYS C 130 -23.19 13.34 -11.61
CA CYS C 130 -22.56 12.03 -11.67
C CYS C 130 -23.62 10.95 -11.63
N GLY C 131 -23.32 9.79 -12.21
CA GLY C 131 -24.26 8.69 -12.21
C GLY C 131 -24.13 7.79 -11.01
N ALA C 132 -25.20 7.05 -10.70
CA ALA C 132 -25.20 6.14 -9.56
C ALA C 132 -26.23 5.04 -9.76
N ARG C 133 -25.93 3.85 -9.25
CA ARG C 133 -26.85 2.71 -9.36
C ARG C 133 -27.47 2.38 -8.01
N ASN C 134 -26.93 2.99 -6.95
CA ASN C 134 -27.44 2.76 -5.60
C ASN C 134 -27.04 3.91 -4.69
N LEU C 135 -27.48 3.86 -3.43
CA LEU C 135 -27.19 4.93 -2.49
C LEU C 135 -25.70 5.11 -2.18
N GLY C 136 -24.99 3.99 -1.98
CA GLY C 136 -23.58 4.08 -1.68
C GLY C 136 -22.82 4.88 -2.73
N GLU C 137 -23.05 4.52 -3.99
CA GLU C 137 -22.41 5.19 -5.11
C GLU C 137 -22.79 6.67 -5.17
N ALA C 138 -24.07 6.97 -4.97
CA ALA C 138 -24.53 8.34 -5.01
C ALA C 138 -23.85 9.17 -3.92
N LEU C 139 -23.77 8.62 -2.71
CA LEU C 139 -23.15 9.36 -1.61
C LEU C 139 -21.64 9.54 -1.81
N ARG C 140 -20.97 8.56 -2.41
CA ARG C 140 -19.53 8.71 -2.66
C ARG C 140 -19.31 9.85 -3.65
N ARG C 141 -20.14 9.90 -4.70
CA ARG C 141 -20.01 10.97 -5.70
C ARG C 141 -20.29 12.32 -5.09
N ILE C 142 -21.29 12.39 -4.20
CA ILE C 142 -21.65 13.63 -3.53
C ILE C 142 -20.52 14.06 -2.59
N ALA C 143 -19.90 13.09 -1.92
CA ALA C 143 -18.80 13.38 -1.00
C ALA C 143 -17.62 13.97 -1.77
N GLU C 144 -17.50 13.59 -3.05
CA GLU C 144 -16.41 14.08 -3.90
C GLU C 144 -16.73 15.49 -4.43
N GLY C 145 -17.98 15.91 -4.27
CA GLY C 145 -18.35 17.23 -4.72
C GLY C 145 -19.49 17.34 -5.72
N ALA C 146 -20.06 16.20 -6.15
CA ALA C 146 -21.15 16.23 -7.11
C ALA C 146 -22.32 17.09 -6.62
N ALA C 147 -22.87 17.90 -7.53
CA ALA C 147 -23.99 18.79 -7.20
C ALA C 147 -25.31 18.25 -7.74
N MET C 148 -25.26 17.08 -8.37
CA MET C 148 -26.44 16.47 -8.94
C MET C 148 -26.14 15.01 -9.21
N ILE C 149 -27.14 14.16 -9.09
CA ILE C 149 -26.99 12.74 -9.33
C ILE C 149 -28.02 12.30 -10.37
N ARG C 150 -27.70 11.25 -11.09
CA ARG C 150 -28.62 10.69 -12.07
C ARG C 150 -28.42 9.19 -12.03
N THR C 151 -29.43 8.43 -12.42
CA THR C 151 -29.29 6.99 -12.46
C THR C 151 -28.37 6.70 -13.63
N LYS C 152 -27.67 5.59 -13.60
CA LYS C 152 -26.82 5.24 -14.72
C LYS C 152 -27.71 4.63 -15.80
N GLY C 153 -28.73 3.91 -15.34
CA GLY C 153 -29.64 3.26 -16.26
C GLY C 153 -28.85 2.38 -17.21
N GLU C 154 -29.35 2.27 -18.45
CA GLU C 154 -28.68 1.48 -19.47
C GLU C 154 -28.60 2.37 -20.69
N ALA C 155 -27.41 2.50 -21.28
CA ALA C 155 -27.24 3.36 -22.44
C ALA C 155 -27.24 2.61 -23.77
N GLY C 156 -27.78 3.25 -24.80
CA GLY C 156 -27.81 2.67 -26.13
C GLY C 156 -28.69 1.46 -26.36
N THR C 157 -29.81 1.37 -25.65
CA THR C 157 -30.72 0.24 -25.83
C THR C 157 -32.17 0.66 -25.89
N GLY C 158 -32.50 1.76 -25.20
CA GLY C 158 -33.87 2.23 -25.19
C GLY C 158 -34.67 1.41 -24.19
N ASN C 159 -33.98 0.61 -23.39
CA ASN C 159 -34.63 -0.23 -22.38
C ASN C 159 -34.57 0.49 -21.04
N VAL C 160 -35.73 0.84 -20.51
CA VAL C 160 -35.82 1.57 -19.24
C VAL C 160 -35.62 0.72 -17.98
N VAL C 161 -35.51 -0.59 -18.14
CA VAL C 161 -35.40 -1.49 -17.00
C VAL C 161 -34.31 -1.18 -15.96
N GLU C 162 -33.13 -0.76 -16.39
CA GLU C 162 -32.07 -0.46 -15.43
C GLU C 162 -32.30 0.87 -14.72
N ALA C 163 -32.91 1.84 -15.41
CA ALA C 163 -33.19 3.13 -14.78
C ALA C 163 -34.19 2.89 -13.66
N VAL C 164 -35.13 2.00 -13.90
CA VAL C 164 -36.15 1.65 -12.91
C VAL C 164 -35.46 1.01 -11.71
N ARG C 165 -34.56 0.06 -11.98
CA ARG C 165 -33.85 -0.62 -10.90
C ARG C 165 -33.07 0.39 -10.04
N HIS C 166 -32.31 1.25 -10.70
CA HIS C 166 -31.50 2.23 -9.99
C HIS C 166 -32.33 3.21 -9.19
N ALA C 167 -33.42 3.70 -9.80
CA ALA C 167 -34.29 4.64 -9.12
C ALA C 167 -34.91 3.99 -7.88
N ARG C 168 -35.47 2.80 -8.05
CA ARG C 168 -36.10 2.10 -6.94
C ARG C 168 -35.08 1.73 -5.86
N THR C 169 -33.89 1.33 -6.29
CA THR C 169 -32.87 0.94 -5.33
C THR C 169 -32.39 2.11 -4.48
N MET C 170 -32.07 3.22 -5.14
CA MET C 170 -31.63 4.38 -4.39
C MET C 170 -32.69 4.78 -3.37
N TRP C 171 -33.96 4.79 -3.80
CA TRP C 171 -35.01 5.18 -2.86
C TRP C 171 -35.28 4.16 -1.76
N LYS C 172 -35.20 2.87 -2.07
CA LYS C 172 -35.42 1.85 -1.03
C LYS C 172 -34.37 2.04 0.06
N GLU C 173 -33.14 2.30 -0.36
CA GLU C 173 -32.04 2.50 0.57
C GLU C 173 -32.16 3.80 1.34
N ILE C 174 -32.60 4.87 0.67
CA ILE C 174 -32.80 6.15 1.35
C ILE C 174 -33.85 5.99 2.46
N ARG C 175 -34.99 5.39 2.11
CA ARG C 175 -36.05 5.21 3.10
C ARG C 175 -35.61 4.22 4.19
N TYR C 176 -34.80 3.23 3.81
CA TYR C 176 -34.32 2.26 4.81
C TYR C 176 -33.42 2.99 5.79
N VAL C 177 -32.51 3.82 5.28
CA VAL C 177 -31.59 4.55 6.15
C VAL C 177 -32.37 5.42 7.13
N GLN C 178 -33.43 6.07 6.63
CA GLN C 178 -34.26 6.90 7.48
C GLN C 178 -34.93 6.05 8.56
N SER C 179 -35.23 4.79 8.25
CA SER C 179 -35.89 3.90 9.20
C SER C 179 -34.97 3.26 10.23
N LEU C 180 -33.66 3.26 9.95
CA LEU C 180 -32.70 2.65 10.86
C LEU C 180 -32.52 3.38 12.19
N ARG C 181 -32.12 2.63 13.21
CA ARG C 181 -31.85 3.21 14.51
C ARG C 181 -30.54 3.95 14.33
N GLU C 182 -30.31 5.00 15.12
CA GLU C 182 -29.06 5.73 15.00
C GLU C 182 -27.87 4.83 15.26
N ASP C 183 -28.03 3.84 16.14
CA ASP C 183 -26.90 2.95 16.44
C ASP C 183 -26.64 1.88 15.38
N GLU C 184 -27.42 1.89 14.31
CA GLU C 184 -27.25 0.90 13.24
C GLU C 184 -26.71 1.52 11.96
N LEU C 185 -26.52 2.84 11.96
CA LEU C 185 -26.04 3.55 10.78
C LEU C 185 -24.61 3.26 10.32
N MET C 186 -23.68 3.10 11.26
CA MET C 186 -22.29 2.82 10.90
C MET C 186 -22.13 1.48 10.18
N ALA C 187 -22.80 0.45 10.70
CA ALA C 187 -22.73 -0.86 10.10
C ALA C 187 -23.28 -0.85 8.67
N TYR C 188 -24.35 -0.09 8.45
CA TYR C 188 -24.95 -0.02 7.13
C TYR C 188 -24.05 0.76 6.18
N ALA C 189 -23.52 1.89 6.66
CA ALA C 189 -22.64 2.71 5.86
C ALA C 189 -21.47 1.87 5.36
N LYS C 190 -20.90 1.08 6.26
CA LYS C 190 -19.79 0.21 5.91
C LYS C 190 -20.24 -0.82 4.87
N GLU C 191 -21.44 -1.36 5.06
CA GLU C 191 -21.99 -2.37 4.17
C GLU C 191 -22.11 -1.90 2.72
N ILE C 192 -22.59 -0.68 2.51
CA ILE C 192 -22.74 -0.17 1.16
C ILE C 192 -21.61 0.75 0.73
N GLY C 193 -20.54 0.78 1.52
CA GLY C 193 -19.39 1.62 1.21
C GLY C 193 -19.75 3.07 1.04
N ALA C 194 -20.60 3.58 1.91
CA ALA C 194 -21.04 4.96 1.83
C ALA C 194 -20.44 5.83 2.92
N PRO C 195 -20.10 7.09 2.58
CA PRO C 195 -19.52 8.03 3.55
C PRO C 195 -20.46 8.14 4.75
N PHE C 196 -19.94 7.83 5.93
CA PHE C 196 -20.73 7.85 7.16
C PHE C 196 -21.49 9.14 7.46
N GLU C 197 -20.84 10.29 7.32
CA GLU C 197 -21.51 11.56 7.60
C GLU C 197 -22.71 11.82 6.70
N LEU C 198 -22.61 11.40 5.44
CA LEU C 198 -23.72 11.60 4.51
C LEU C 198 -24.86 10.63 4.81
N VAL C 199 -24.52 9.45 5.32
CA VAL C 199 -25.53 8.46 5.68
C VAL C 199 -26.37 9.04 6.81
N LYS C 200 -25.71 9.67 7.77
CA LYS C 200 -26.42 10.27 8.88
C LYS C 200 -27.29 11.42 8.36
N TRP C 201 -26.82 12.12 7.34
CA TRP C 201 -27.59 13.22 6.77
C TRP C 201 -28.88 12.66 6.15
N VAL C 202 -28.74 11.61 5.36
CA VAL C 202 -29.89 10.99 4.71
C VAL C 202 -30.86 10.44 5.76
N HIS C 203 -30.31 9.92 6.85
CA HIS C 203 -31.15 9.40 7.93
C HIS C 203 -32.05 10.50 8.49
N ASP C 204 -31.50 11.70 8.65
CA ASP C 204 -32.25 12.82 9.19
C ASP C 204 -33.20 13.50 8.22
N HIS C 205 -32.90 13.43 6.92
CA HIS C 205 -33.75 14.10 5.94
C HIS C 205 -34.62 13.22 5.04
N GLY C 206 -34.27 11.95 4.92
CA GLY C 206 -35.07 11.05 4.10
C GLY C 206 -35.05 11.32 2.60
N ARG C 207 -33.94 11.85 2.11
CA ARG C 207 -33.79 12.15 0.68
C ARG C 207 -32.32 12.42 0.43
N LEU C 208 -31.96 12.62 -0.84
CA LEU C 208 -30.57 12.96 -1.18
C LEU C 208 -30.43 14.46 -1.00
N PRO C 209 -29.21 14.93 -0.65
CA PRO C 209 -28.99 16.36 -0.47
C PRO C 209 -28.95 17.15 -1.78
N VAL C 210 -28.97 16.43 -2.90
CA VAL C 210 -28.96 17.08 -4.21
C VAL C 210 -30.02 16.48 -5.13
N VAL C 211 -30.33 17.20 -6.20
CA VAL C 211 -31.30 16.76 -7.19
C VAL C 211 -30.89 15.41 -7.78
N ASN C 212 -31.86 14.53 -7.99
CA ASN C 212 -31.60 13.19 -8.53
C ASN C 212 -32.50 12.98 -9.76
N PHE C 213 -31.86 12.83 -10.91
CA PHE C 213 -32.57 12.64 -12.19
C PHE C 213 -32.49 11.22 -12.72
N ALA C 214 -33.47 10.86 -13.53
CA ALA C 214 -33.49 9.54 -14.15
C ALA C 214 -32.73 9.70 -15.46
N ALA C 215 -32.04 8.66 -15.88
CA ALA C 215 -31.29 8.72 -17.13
C ALA C 215 -30.91 7.32 -17.60
N GLY C 216 -30.86 7.15 -18.92
CA GLY C 216 -30.46 5.89 -19.49
C GLY C 216 -31.60 4.94 -19.81
N GLY C 217 -32.10 5.02 -21.04
CA GLY C 217 -33.17 4.12 -21.45
C GLY C 217 -34.57 4.71 -21.47
N ILE C 218 -34.69 6.02 -21.24
CA ILE C 218 -36.00 6.66 -21.27
C ILE C 218 -36.31 6.92 -22.74
N ALA C 219 -37.17 6.10 -23.32
CA ALA C 219 -37.49 6.22 -24.75
C ALA C 219 -38.88 6.74 -25.09
N THR C 220 -39.81 6.63 -24.15
CA THR C 220 -41.18 7.06 -24.43
C THR C 220 -41.74 7.99 -23.35
N PRO C 221 -42.84 8.68 -23.66
CA PRO C 221 -43.45 9.58 -22.68
C PRO C 221 -43.82 8.78 -21.43
N ALA C 222 -44.29 7.55 -21.64
CA ALA C 222 -44.68 6.71 -20.51
C ALA C 222 -43.46 6.41 -19.62
N ASP C 223 -42.30 6.20 -20.23
CA ASP C 223 -41.07 5.92 -19.48
C ASP C 223 -40.72 7.12 -18.61
N ALA C 224 -40.78 8.31 -19.21
CA ALA C 224 -40.44 9.54 -18.50
C ALA C 224 -41.36 9.75 -17.29
N ALA C 225 -42.65 9.57 -17.48
CA ALA C 225 -43.61 9.74 -16.40
C ALA C 225 -43.38 8.67 -15.33
N LEU C 226 -43.06 7.46 -15.76
CA LEU C 226 -42.81 6.37 -14.82
C LEU C 226 -41.70 6.78 -13.84
N MET C 227 -40.63 7.36 -14.36
CA MET C 227 -39.51 7.77 -13.51
C MET C 227 -39.93 8.82 -12.49
N MET C 228 -40.87 9.68 -12.84
CA MET C 228 -41.33 10.70 -11.90
C MET C 228 -42.12 10.03 -10.78
N HIS C 229 -42.91 9.02 -11.13
CA HIS C 229 -43.69 8.30 -10.13
C HIS C 229 -42.76 7.55 -9.16
N LEU C 230 -41.57 7.20 -9.66
CA LEU C 230 -40.59 6.48 -8.84
C LEU C 230 -39.75 7.42 -7.98
N GLY C 231 -40.16 8.68 -7.90
CA GLY C 231 -39.48 9.65 -7.06
C GLY C 231 -38.29 10.43 -7.62
N MET C 232 -38.11 10.41 -8.94
CA MET C 232 -37.00 11.15 -9.52
C MET C 232 -37.41 12.60 -9.75
N ASP C 233 -36.43 13.50 -9.80
CA ASP C 233 -36.71 14.93 -9.96
C ASP C 233 -36.86 15.43 -11.39
N GLY C 234 -36.56 14.56 -12.35
CA GLY C 234 -36.65 14.94 -13.74
C GLY C 234 -35.97 13.87 -14.56
N VAL C 235 -35.80 14.09 -15.86
CA VAL C 235 -35.15 13.08 -16.68
C VAL C 235 -34.20 13.63 -17.73
N PHE C 236 -33.22 12.80 -18.08
CA PHE C 236 -32.25 13.10 -19.13
C PHE C 236 -32.71 12.17 -20.27
N VAL C 237 -32.75 12.68 -21.49
CA VAL C 237 -33.14 11.85 -22.64
C VAL C 237 -32.13 12.00 -23.76
N GLY C 238 -31.91 10.90 -24.50
CA GLY C 238 -30.94 10.90 -25.59
C GLY C 238 -31.37 11.55 -26.89
N SER C 239 -30.39 11.80 -27.76
CA SER C 239 -30.63 12.45 -29.05
C SER C 239 -31.52 11.63 -29.99
N GLY C 240 -31.98 10.48 -29.52
CA GLY C 240 -32.84 9.64 -30.34
C GLY C 240 -34.12 10.36 -30.71
N ILE C 241 -34.43 11.42 -29.97
CA ILE C 241 -35.64 12.21 -30.22
C ILE C 241 -35.61 12.85 -31.60
N PHE C 242 -34.41 13.20 -32.07
CA PHE C 242 -34.26 13.86 -33.37
C PHE C 242 -34.03 12.90 -34.53
N LYS C 243 -34.49 11.66 -34.40
CA LYS C 243 -34.32 10.67 -35.46
C LYS C 243 -35.57 9.83 -35.64
N SER C 244 -36.31 9.64 -34.54
CA SER C 244 -37.54 8.85 -34.55
C SER C 244 -38.52 9.25 -35.65
N GLY C 245 -38.35 10.44 -36.22
CA GLY C 245 -39.24 10.89 -37.26
C GLY C 245 -39.59 12.36 -37.10
N ASP C 246 -40.38 12.66 -36.08
CA ASP C 246 -40.78 14.04 -35.80
C ASP C 246 -40.14 14.43 -34.48
N PRO C 247 -39.00 15.14 -34.53
CA PRO C 247 -38.28 15.59 -33.34
C PRO C 247 -39.09 16.48 -32.42
N ARG C 248 -39.69 17.52 -33.00
CA ARG C 248 -40.50 18.46 -32.22
C ARG C 248 -41.63 17.79 -31.47
N LYS C 249 -42.25 16.78 -32.09
CA LYS C 249 -43.38 16.11 -31.45
C LYS C 249 -42.98 15.21 -30.28
N ARG C 250 -42.02 14.32 -30.48
CA ARG C 250 -41.60 13.43 -29.41
C ARG C 250 -40.93 14.21 -28.28
N ALA C 251 -40.18 15.26 -28.63
CA ALA C 251 -39.51 16.07 -27.62
C ALA C 251 -40.56 16.77 -26.76
N ARG C 252 -41.54 17.37 -27.42
CA ARG C 252 -42.60 18.07 -26.70
C ARG C 252 -43.42 17.07 -25.89
N ALA C 253 -43.57 15.86 -26.42
CA ALA C 253 -44.33 14.82 -25.74
C ALA C 253 -43.69 14.40 -24.42
N ILE C 254 -42.37 14.24 -24.43
CA ILE C 254 -41.66 13.85 -23.23
C ILE C 254 -41.70 14.97 -22.20
N VAL C 255 -41.53 16.21 -22.67
CA VAL C 255 -41.58 17.36 -21.77
C VAL C 255 -42.95 17.44 -21.10
N ARG C 256 -44.01 17.30 -21.89
CA ARG C 256 -45.36 17.37 -21.38
C ARG C 256 -45.69 16.19 -20.47
N ALA C 257 -45.14 15.02 -20.78
CA ALA C 257 -45.38 13.83 -19.97
C ALA C 257 -44.79 14.01 -18.57
N VAL C 258 -43.61 14.60 -18.49
CA VAL C 258 -42.98 14.82 -17.20
C VAL C 258 -43.75 15.86 -16.38
N ALA C 259 -44.24 16.89 -17.06
CA ALA C 259 -44.98 17.95 -16.39
C ALA C 259 -46.38 17.50 -15.95
N HIS C 260 -46.91 16.47 -16.59
CA HIS C 260 -48.23 15.95 -16.28
C HIS C 260 -48.14 14.45 -15.97
N TYR C 261 -47.08 14.05 -15.27
CA TYR C 261 -46.88 12.63 -14.99
C TYR C 261 -48.00 11.90 -14.26
N ASN C 262 -48.88 12.63 -13.58
CA ASN C 262 -49.95 11.97 -12.86
C ASN C 262 -51.32 12.12 -13.53
N ASP C 263 -51.32 12.55 -14.80
CA ASP C 263 -52.57 12.72 -15.55
C ASP C 263 -52.66 11.73 -16.71
N PRO C 264 -53.37 10.60 -16.50
CA PRO C 264 -53.55 9.56 -17.52
C PRO C 264 -54.02 10.07 -18.87
N GLU C 265 -54.96 11.01 -18.86
CA GLU C 265 -55.50 11.56 -20.10
C GLU C 265 -54.43 12.28 -20.92
N VAL C 266 -53.63 13.11 -20.28
CA VAL C 266 -52.58 13.82 -21.00
C VAL C 266 -51.51 12.84 -21.48
N LEU C 267 -51.17 11.87 -20.64
CA LEU C 267 -50.17 10.87 -21.00
C LEU C 267 -50.63 10.09 -22.24
N ALA C 268 -51.91 9.75 -22.28
CA ALA C 268 -52.46 9.03 -23.42
C ALA C 268 -52.42 9.92 -24.66
N GLU C 269 -52.77 11.18 -24.48
CA GLU C 269 -52.77 12.15 -25.58
C GLU C 269 -51.41 12.32 -26.24
N VAL C 270 -50.38 12.59 -25.44
CA VAL C 270 -49.05 12.79 -25.99
C VAL C 270 -48.40 11.52 -26.54
N SER C 271 -48.96 10.37 -26.19
CA SER C 271 -48.43 9.10 -26.66
C SER C 271 -49.01 8.69 -28.01
N GLU C 272 -50.13 9.29 -28.39
CA GLU C 272 -50.80 8.94 -29.64
C GLU C 272 -50.12 9.43 -30.91
N ASP C 273 -50.12 8.57 -31.93
CA ASP C 273 -49.52 8.86 -33.22
C ASP C 273 -48.16 9.53 -33.06
N LEU C 274 -47.34 8.96 -32.20
CA LEU C 274 -46.02 9.50 -31.92
C LEU C 274 -44.94 8.88 -32.82
N GLY C 275 -45.39 8.20 -33.87
CA GLY C 275 -44.44 7.58 -34.78
C GLY C 275 -43.74 6.42 -34.11
N GLU C 276 -42.49 6.16 -34.49
CA GLU C 276 -41.73 5.08 -33.91
C GLU C 276 -40.49 5.60 -33.17
N PRO C 277 -40.21 5.04 -31.98
CA PRO C 277 -39.05 5.45 -31.17
C PRO C 277 -37.74 4.89 -31.69
N MET C 278 -36.67 5.15 -30.94
CA MET C 278 -35.33 4.68 -31.31
C MET C 278 -35.31 3.16 -31.46
N MET D 5 -25.15 26.04 -1.12
CA MET D 5 -24.20 24.92 -0.82
C MET D 5 -24.15 24.70 0.69
N GLU D 6 -24.94 23.74 1.16
CA GLU D 6 -25.02 23.42 2.58
C GLU D 6 -23.69 22.93 3.16
N LYS D 7 -23.47 23.22 4.45
CA LYS D 7 -22.25 22.82 5.13
C LYS D 7 -22.57 21.97 6.36
N GLY D 8 -21.94 20.81 6.45
CA GLY D 8 -22.18 19.93 7.58
C GLY D 8 -21.04 19.98 8.59
N THR D 9 -21.21 19.27 9.70
CA THR D 9 -20.19 19.24 10.74
C THR D 9 -20.20 17.91 11.49
N PHE D 10 -19.01 17.43 11.85
CA PHE D 10 -18.88 16.18 12.58
C PHE D 10 -18.04 16.42 13.82
N GLN D 11 -18.11 15.49 14.78
CA GLN D 11 -17.36 15.63 16.01
C GLN D 11 -16.30 14.55 16.19
N ILE D 12 -15.38 14.79 17.12
CA ILE D 12 -14.31 13.85 17.43
C ILE D 12 -14.01 13.94 18.92
N LYS D 13 -14.21 12.84 19.64
CA LYS D 13 -13.97 12.79 21.08
C LYS D 13 -12.48 12.93 21.40
N THR D 14 -11.96 14.15 21.33
CA THR D 14 -10.54 14.40 21.59
C THR D 14 -10.23 14.94 22.99
N GLY D 15 -8.95 14.87 23.34
CA GLY D 15 -8.48 15.39 24.62
C GLY D 15 -8.77 14.62 25.89
N PHE D 16 -9.31 13.41 25.77
CA PHE D 16 -9.65 12.62 26.95
C PHE D 16 -8.57 11.68 27.49
N ALA D 17 -7.69 11.19 26.62
CA ALA D 17 -6.66 10.27 27.08
C ALA D 17 -5.24 10.82 27.07
N GLU D 18 -5.09 12.09 26.71
CA GLU D 18 -3.76 12.70 26.66
C GLU D 18 -2.99 12.63 27.98
N MET D 19 -3.72 12.54 29.09
CA MET D 19 -3.09 12.47 30.41
C MET D 19 -2.38 11.14 30.62
N PHE D 20 -2.65 10.15 29.76
CA PHE D 20 -2.02 8.84 29.90
C PHE D 20 -0.78 8.67 29.03
N LYS D 21 -0.53 9.64 28.15
CA LYS D 21 0.63 9.56 27.26
C LYS D 21 1.93 9.30 28.02
N GLY D 22 2.69 8.33 27.52
CA GLY D 22 3.97 7.98 28.14
C GLY D 22 3.80 7.08 29.35
N GLY D 23 2.58 6.60 29.57
CA GLY D 23 2.32 5.75 30.72
C GLY D 23 1.89 4.33 30.46
N VAL D 24 1.68 3.62 31.56
CA VAL D 24 1.27 2.23 31.53
C VAL D 24 -0.04 2.05 32.30
N ILE D 25 -1.00 1.37 31.68
CA ILE D 25 -2.28 1.11 32.32
C ILE D 25 -2.27 -0.38 32.62
N MET D 26 -2.54 -0.73 33.88
CA MET D 26 -2.49 -2.12 34.31
C MET D 26 -3.81 -2.78 34.68
N ASP D 27 -3.97 -4.02 34.23
CA ASP D 27 -5.16 -4.82 34.56
C ASP D 27 -5.02 -5.24 36.01
N VAL D 28 -6.08 -5.07 36.80
CA VAL D 28 -6.07 -5.46 38.20
C VAL D 28 -7.38 -6.15 38.57
N THR D 29 -7.29 -7.18 39.41
CA THR D 29 -8.49 -7.91 39.82
C THR D 29 -8.85 -7.70 41.28
N THR D 30 -7.98 -7.06 42.04
CA THR D 30 -8.23 -6.81 43.45
C THR D 30 -7.72 -5.43 43.86
N PRO D 31 -8.22 -4.90 44.98
CA PRO D 31 -7.77 -3.59 45.44
C PRO D 31 -6.28 -3.62 45.73
N GLU D 32 -5.81 -4.76 46.26
CA GLU D 32 -4.40 -4.94 46.58
C GLU D 32 -3.54 -4.76 45.34
N GLN D 33 -3.97 -5.36 44.23
CA GLN D 33 -3.22 -5.25 42.99
C GLN D 33 -3.27 -3.81 42.49
N ALA D 34 -4.42 -3.17 42.62
CA ALA D 34 -4.57 -1.79 42.18
C ALA D 34 -3.58 -0.90 42.93
N VAL D 35 -3.41 -1.16 44.22
CA VAL D 35 -2.49 -0.38 45.04
C VAL D 35 -1.06 -0.57 44.52
N ILE D 36 -0.70 -1.82 44.22
CA ILE D 36 0.64 -2.11 43.70
C ILE D 36 0.87 -1.39 42.38
N ALA D 37 -0.13 -1.41 41.51
CA ALA D 37 -0.03 -0.76 40.21
C ALA D 37 0.21 0.74 40.37
N GLU D 38 -0.56 1.36 41.26
CA GLU D 38 -0.43 2.79 41.49
C GLU D 38 0.93 3.14 42.08
N GLU D 39 1.39 2.35 43.03
CA GLU D 39 2.69 2.58 43.66
C GLU D 39 3.81 2.39 42.66
N ALA D 40 3.59 1.49 41.69
CA ALA D 40 4.60 1.21 40.66
C ALA D 40 4.69 2.35 39.64
N GLY D 41 3.67 3.19 39.59
CA GLY D 41 3.70 4.30 38.64
C GLY D 41 2.70 4.23 37.50
N ALA D 42 1.76 3.30 37.57
CA ALA D 42 0.75 3.18 36.52
C ALA D 42 -0.03 4.48 36.44
N VAL D 43 -0.44 4.86 35.23
CA VAL D 43 -1.21 6.10 35.07
C VAL D 43 -2.71 5.86 35.20
N ALA D 44 -3.09 4.60 35.26
CA ALA D 44 -4.49 4.20 35.41
C ALA D 44 -4.55 2.69 35.55
N VAL D 45 -5.68 2.17 36.03
CA VAL D 45 -5.85 0.74 36.17
C VAL D 45 -7.13 0.31 35.45
N MET D 46 -7.16 -0.96 35.04
CA MET D 46 -8.29 -1.55 34.36
C MET D 46 -8.87 -2.61 35.31
N ALA D 47 -10.01 -2.30 35.90
CA ALA D 47 -10.64 -3.21 36.85
C ALA D 47 -11.34 -4.39 36.18
N LEU D 48 -11.02 -5.59 36.67
CA LEU D 48 -11.59 -6.83 36.15
C LEU D 48 -11.88 -7.77 37.31
N GLU D 49 -13.09 -8.34 37.34
CA GLU D 49 -13.43 -9.26 38.43
C GLU D 49 -12.80 -10.61 38.15
N ARG D 50 -12.49 -10.85 36.89
CA ARG D 50 -11.87 -12.09 36.45
C ARG D 50 -11.21 -11.84 35.10
N VAL D 51 -10.06 -12.47 34.87
CA VAL D 51 -9.35 -12.28 33.61
C VAL D 51 -10.13 -12.91 32.45
N PRO D 52 -10.61 -12.06 31.52
CA PRO D 52 -11.38 -12.53 30.36
C PRO D 52 -10.69 -13.62 29.54
N ALA D 53 -9.36 -13.60 29.52
CA ALA D 53 -8.60 -14.59 28.78
C ALA D 53 -8.79 -15.97 29.41
N ASP D 54 -8.97 -15.98 30.73
CA ASP D 54 -9.16 -17.23 31.46
C ASP D 54 -10.55 -17.77 31.19
N ILE D 55 -11.53 -16.88 31.10
CA ILE D 55 -12.91 -17.28 30.85
C ILE D 55 -13.08 -17.86 29.45
N ARG D 56 -12.47 -17.21 28.46
CA ARG D 56 -12.56 -17.69 27.08
C ARG D 56 -11.92 -19.06 26.97
N ALA D 57 -10.80 -19.25 27.68
CA ALA D 57 -10.08 -20.52 27.67
C ALA D 57 -10.98 -21.63 28.19
N GLN D 58 -11.82 -21.31 29.16
CA GLN D 58 -12.73 -22.30 29.74
C GLN D 58 -14.01 -22.39 28.92
N GLY D 59 -14.08 -21.65 27.81
CA GLY D 59 -15.25 -21.68 26.97
C GLY D 59 -16.46 -21.05 27.62
N GLY D 60 -16.22 -20.08 28.50
CA GLY D 60 -17.31 -19.41 29.17
C GLY D 60 -17.60 -18.05 28.56
N VAL D 61 -18.60 -17.37 29.09
CA VAL D 61 -18.96 -16.04 28.60
C VAL D 61 -18.37 -14.99 29.54
N ALA D 62 -17.62 -14.05 28.96
CA ALA D 62 -17.00 -12.98 29.73
C ALA D 62 -17.85 -11.72 29.57
N ARG D 63 -18.24 -11.13 30.69
CA ARG D 63 -19.10 -9.95 30.67
C ARG D 63 -18.55 -8.83 31.53
N MET D 64 -19.34 -7.77 31.66
CA MET D 64 -18.99 -6.63 32.50
C MET D 64 -18.80 -7.19 33.91
N SER D 65 -17.84 -6.65 34.65
CA SER D 65 -17.59 -7.12 36.01
C SER D 65 -18.66 -6.58 36.97
N ASP D 66 -18.81 -7.25 38.10
CA ASP D 66 -19.79 -6.81 39.10
C ASP D 66 -19.38 -5.45 39.65
N PRO D 67 -20.32 -4.51 39.68
CA PRO D 67 -20.04 -3.16 40.19
C PRO D 67 -19.37 -3.15 41.56
N LYS D 68 -19.67 -4.16 42.37
CA LYS D 68 -19.09 -4.25 43.70
C LYS D 68 -17.57 -4.28 43.62
N ILE D 69 -17.05 -5.13 42.75
CA ILE D 69 -15.61 -5.27 42.58
C ILE D 69 -14.98 -3.99 42.00
N ILE D 70 -15.65 -3.39 41.02
CA ILE D 70 -15.13 -2.17 40.40
C ILE D 70 -15.06 -1.04 41.43
N LYS D 71 -16.10 -0.91 42.26
CA LYS D 71 -16.14 0.14 43.26
C LYS D 71 -15.04 -0.02 44.31
N GLU D 72 -14.76 -1.27 44.69
CA GLU D 72 -13.72 -1.54 45.67
C GLU D 72 -12.38 -1.07 45.13
N ILE D 73 -12.14 -1.30 43.85
CA ILE D 73 -10.90 -0.89 43.22
C ILE D 73 -10.84 0.64 43.13
N MET D 74 -11.97 1.26 42.82
CA MET D 74 -12.03 2.72 42.73
C MET D 74 -11.72 3.38 44.06
N ALA D 75 -12.12 2.74 45.14
CA ALA D 75 -11.89 3.28 46.49
C ALA D 75 -10.47 3.05 46.99
N ALA D 76 -9.71 2.21 46.28
CA ALA D 76 -8.35 1.90 46.71
C ALA D 76 -7.25 2.77 46.10
N VAL D 77 -7.53 3.40 44.97
CA VAL D 77 -6.52 4.23 44.32
C VAL D 77 -7.02 5.63 43.94
N SER D 78 -6.08 6.50 43.61
CA SER D 78 -6.40 7.87 43.23
C SER D 78 -6.32 8.05 41.72
N ILE D 79 -5.60 7.16 41.05
CA ILE D 79 -5.48 7.26 39.60
C ILE D 79 -6.78 6.83 38.94
N PRO D 80 -6.99 7.20 37.66
CA PRO D 80 -8.22 6.82 36.95
C PRO D 80 -8.45 5.31 36.90
N VAL D 81 -9.72 4.93 36.93
CA VAL D 81 -10.08 3.52 36.86
C VAL D 81 -10.94 3.26 35.64
N MET D 82 -10.53 2.27 34.85
CA MET D 82 -11.27 1.89 33.65
C MET D 82 -11.91 0.53 33.89
N ALA D 83 -12.89 0.18 33.07
CA ALA D 83 -13.55 -1.11 33.18
C ALA D 83 -14.05 -1.49 31.79
N LYS D 84 -14.28 -2.79 31.57
CA LYS D 84 -14.70 -3.27 30.26
C LYS D 84 -16.15 -3.64 30.08
N VAL D 85 -16.63 -3.54 28.83
CA VAL D 85 -17.99 -3.92 28.49
C VAL D 85 -17.88 -4.74 27.21
N ARG D 86 -18.86 -5.58 26.97
CA ARG D 86 -18.87 -6.40 25.76
C ARG D 86 -19.19 -5.52 24.56
N ILE D 87 -18.67 -5.87 23.41
CA ILE D 87 -18.92 -5.09 22.20
C ILE D 87 -20.43 -4.98 21.97
N GLY D 88 -20.88 -3.75 21.75
CA GLY D 88 -22.29 -3.50 21.50
C GLY D 88 -23.21 -3.50 22.71
N HIS D 89 -22.69 -3.83 23.89
CA HIS D 89 -23.55 -3.87 25.06
C HIS D 89 -23.64 -2.49 25.69
N PHE D 90 -24.48 -1.62 25.11
CA PHE D 90 -24.60 -0.28 25.62
C PHE D 90 -25.22 -0.15 27.01
N VAL D 91 -25.91 -1.19 27.47
CA VAL D 91 -26.48 -1.12 28.81
C VAL D 91 -25.38 -1.37 29.84
N GLU D 92 -24.44 -2.26 29.55
CA GLU D 92 -23.34 -2.48 30.47
C GLU D 92 -22.61 -1.15 30.59
N ALA D 93 -22.50 -0.44 29.46
CA ALA D 93 -21.83 0.85 29.46
C ALA D 93 -22.61 1.86 30.32
N MET D 94 -23.94 1.84 30.22
CA MET D 94 -24.78 2.74 31.02
C MET D 94 -24.49 2.53 32.50
N ILE D 95 -24.32 1.27 32.87
CA ILE D 95 -24.05 0.89 34.25
C ILE D 95 -22.68 1.36 34.71
N LEU D 96 -21.64 1.14 33.90
CA LEU D 96 -20.31 1.56 34.28
C LEU D 96 -20.24 3.08 34.41
N GLU D 97 -20.93 3.78 33.53
CA GLU D 97 -20.95 5.24 33.57
C GLU D 97 -21.62 5.69 34.86
N ALA D 98 -22.73 5.03 35.22
CA ALA D 98 -23.46 5.38 36.42
C ALA D 98 -22.67 5.21 37.71
N ILE D 99 -21.82 4.19 37.78
CA ILE D 99 -21.04 3.97 38.99
C ILE D 99 -19.79 4.86 39.06
N GLY D 100 -19.54 5.61 37.99
CA GLY D 100 -18.42 6.52 37.99
C GLY D 100 -17.06 6.09 37.47
N VAL D 101 -17.00 5.11 36.59
CA VAL D 101 -15.70 4.72 36.05
C VAL D 101 -15.22 5.90 35.21
N ASP D 102 -13.90 6.02 35.06
CA ASP D 102 -13.32 7.13 34.31
C ASP D 102 -13.19 6.89 32.81
N PHE D 103 -13.18 5.62 32.41
CA PHE D 103 -13.03 5.26 31.00
C PHE D 103 -13.63 3.87 30.80
N ILE D 104 -14.27 3.66 29.67
CA ILE D 104 -14.85 2.36 29.37
C ILE D 104 -14.12 1.74 28.18
N ASP D 105 -13.79 0.47 28.29
CA ASP D 105 -13.12 -0.23 27.22
C ASP D 105 -14.14 -1.17 26.58
N GLU D 106 -14.55 -0.86 25.36
CA GLU D 106 -15.49 -1.72 24.63
C GLU D 106 -14.53 -2.77 24.10
N SER D 107 -14.42 -3.86 24.85
CA SER D 107 -13.45 -4.91 24.58
C SER D 107 -13.80 -6.18 23.84
N GLU D 108 -12.99 -6.49 22.84
CA GLU D 108 -13.18 -7.69 22.04
C GLU D 108 -12.71 -8.92 22.85
N VAL D 109 -12.10 -8.68 24.00
CA VAL D 109 -11.62 -9.77 24.86
C VAL D 109 -12.81 -10.35 25.63
N LEU D 110 -13.84 -9.53 25.83
CA LEU D 110 -15.04 -10.02 26.49
C LEU D 110 -15.85 -10.65 25.35
N THR D 111 -16.90 -11.39 25.69
CA THR D 111 -17.71 -12.04 24.67
C THR D 111 -18.62 -11.03 23.99
N PRO D 112 -18.43 -10.80 22.68
CA PRO D 112 -19.27 -9.83 21.97
C PRO D 112 -20.77 -10.03 22.22
N ALA D 113 -21.47 -8.93 22.51
CA ALA D 113 -22.90 -8.98 22.75
C ALA D 113 -23.67 -8.63 21.48
N ASP D 114 -22.98 -8.01 20.53
CA ASP D 114 -23.58 -7.62 19.26
C ASP D 114 -22.50 -7.84 18.22
N GLU D 115 -22.72 -8.78 17.30
CA GLU D 115 -21.73 -9.06 16.28
C GLU D 115 -21.86 -8.20 15.03
N GLU D 116 -22.78 -7.24 15.07
CA GLU D 116 -23.00 -6.35 13.93
C GLU D 116 -22.78 -4.88 14.25
N HIS D 117 -23.08 -4.47 15.48
CA HIS D 117 -22.96 -3.08 15.87
C HIS D 117 -22.16 -2.84 17.14
N HIS D 118 -21.35 -1.80 17.13
CA HIS D 118 -20.58 -1.40 18.29
C HIS D 118 -21.45 -0.37 19.01
N ILE D 119 -21.04 0.03 20.21
CA ILE D 119 -21.80 1.00 20.99
C ILE D 119 -21.81 2.40 20.37
N ASP D 120 -22.97 3.05 20.44
CA ASP D 120 -23.11 4.41 19.95
C ASP D 120 -22.52 5.25 21.08
N LYS D 121 -21.20 5.39 21.06
CA LYS D 121 -20.46 6.09 22.11
C LYS D 121 -20.76 7.58 22.30
N TRP D 122 -21.37 8.21 21.30
CA TRP D 122 -21.70 9.62 21.42
C TRP D 122 -22.80 9.84 22.45
N LYS D 123 -23.55 8.78 22.75
CA LYS D 123 -24.65 8.87 23.72
C LYS D 123 -24.19 8.80 25.17
N PHE D 124 -22.87 8.84 25.38
CA PHE D 124 -22.31 8.76 26.72
C PHE D 124 -21.37 9.94 27.00
N LYS D 125 -21.29 10.33 28.27
CA LYS D 125 -20.40 11.41 28.66
C LYS D 125 -19.03 10.79 28.94
N VAL D 126 -19.04 9.60 29.52
CA VAL D 126 -17.79 8.91 29.84
C VAL D 126 -17.09 8.51 28.54
N PRO D 127 -15.76 8.70 28.47
CA PRO D 127 -14.99 8.34 27.28
C PRO D 127 -14.76 6.84 27.13
N PHE D 128 -14.62 6.41 25.88
CA PHE D 128 -14.39 5.01 25.53
C PHE D 128 -13.05 4.80 24.83
N VAL D 129 -12.48 3.62 25.04
CA VAL D 129 -11.27 3.22 24.33
C VAL D 129 -11.72 1.98 23.59
N CYS D 130 -11.32 1.87 22.32
CA CYS D 130 -11.69 0.72 21.50
C CYS D 130 -10.45 0.14 20.83
N GLY D 131 -10.51 -1.13 20.47
CA GLY D 131 -9.38 -1.77 19.83
C GLY D 131 -9.42 -1.66 18.31
N ALA D 132 -8.26 -1.80 17.68
CA ALA D 132 -8.17 -1.73 16.22
C ALA D 132 -6.93 -2.47 15.73
N ARG D 133 -7.03 -3.05 14.55
CA ARG D 133 -5.91 -3.77 13.95
C ARG D 133 -5.34 -3.01 12.76
N ASN D 134 -6.07 -1.99 12.32
CA ASN D 134 -5.63 -1.17 11.18
C ASN D 134 -6.31 0.19 11.21
N LEU D 135 -5.95 1.05 10.26
CA LEU D 135 -6.51 2.38 10.21
C LEU D 135 -8.02 2.43 9.99
N GLY D 136 -8.52 1.57 9.09
CA GLY D 136 -9.95 1.56 8.82
C GLY D 136 -10.76 1.28 10.08
N GLU D 137 -10.34 0.27 10.83
CA GLU D 137 -11.02 -0.10 12.06
C GLU D 137 -10.93 1.05 13.07
N ALA D 138 -9.74 1.63 13.20
CA ALA D 138 -9.54 2.73 14.15
C ALA D 138 -10.46 3.91 13.82
N LEU D 139 -10.54 4.27 12.55
CA LEU D 139 -11.39 5.39 12.17
C LEU D 139 -12.89 5.09 12.31
N ARG D 140 -13.31 3.85 12.13
CA ARG D 140 -14.73 3.54 12.31
C ARG D 140 -15.08 3.68 13.79
N ARG D 141 -14.18 3.23 14.67
CA ARG D 141 -14.42 3.32 16.11
C ARG D 141 -14.46 4.79 16.54
N ILE D 142 -13.58 5.59 15.96
CA ILE D 142 -13.53 7.00 16.29
C ILE D 142 -14.79 7.71 15.79
N ALA D 143 -15.24 7.35 14.59
CA ALA D 143 -16.45 7.93 14.03
C ALA D 143 -17.64 7.64 14.94
N GLU D 144 -17.59 6.49 15.63
CA GLU D 144 -18.66 6.09 16.53
C GLU D 144 -18.56 6.82 17.88
N GLY D 145 -17.47 7.53 18.09
CA GLY D 145 -17.29 8.27 19.33
C GLY D 145 -16.15 7.86 20.25
N ALA D 146 -15.32 6.90 19.83
CA ALA D 146 -14.19 6.48 20.66
C ALA D 146 -13.25 7.65 20.95
N ALA D 147 -12.81 7.76 22.21
CA ALA D 147 -11.92 8.86 22.61
C ALA D 147 -10.48 8.36 22.77
N MET D 148 -10.26 7.08 22.48
CA MET D 148 -8.94 6.49 22.61
C MET D 148 -8.93 5.19 21.82
N ILE D 149 -7.78 4.85 21.26
CA ILE D 149 -7.65 3.61 20.50
C ILE D 149 -6.48 2.82 21.05
N ARG D 150 -6.54 1.51 20.89
CA ARG D 150 -5.45 0.63 21.31
C ARG D 150 -5.37 -0.49 20.29
N THR D 151 -4.21 -1.10 20.15
CA THR D 151 -4.08 -2.22 19.24
C THR D 151 -4.84 -3.36 19.88
N LYS D 152 -5.29 -4.32 19.09
CA LYS D 152 -5.99 -5.45 19.65
C LYS D 152 -4.95 -6.44 20.14
N GLY D 153 -3.85 -6.52 19.39
CA GLY D 153 -2.79 -7.45 19.76
C GLY D 153 -3.35 -8.85 19.84
N GLU D 154 -2.77 -9.65 20.72
CA GLU D 154 -3.21 -11.03 20.93
C GLU D 154 -3.35 -11.18 22.44
N ALA D 155 -4.48 -11.70 22.90
CA ALA D 155 -4.71 -11.85 24.34
C ALA D 155 -4.47 -13.26 24.87
N GLY D 156 -4.02 -13.34 26.11
CA GLY D 156 -3.76 -14.62 26.76
C GLY D 156 -2.65 -15.49 26.24
N THR D 157 -1.69 -14.90 25.53
CA THR D 157 -0.58 -15.68 24.99
C THR D 157 0.77 -15.13 25.42
N GLY D 158 0.83 -13.82 25.62
CA GLY D 158 2.09 -13.20 26.00
C GLY D 158 2.99 -13.02 24.80
N ASN D 159 2.43 -13.22 23.61
CA ASN D 159 3.18 -13.07 22.37
C ASN D 159 2.87 -11.68 21.81
N VAL D 160 3.90 -10.85 21.71
CA VAL D 160 3.75 -9.47 21.25
C VAL D 160 3.63 -9.30 19.73
N VAL D 161 3.81 -10.39 18.99
CA VAL D 161 3.78 -10.32 17.53
C VAL D 161 2.60 -9.62 16.87
N GLU D 162 1.39 -9.80 17.40
CA GLU D 162 0.23 -9.16 16.79
C GLU D 162 0.16 -7.67 17.11
N ALA D 163 0.58 -7.30 18.32
CA ALA D 163 0.57 -5.90 18.71
C ALA D 163 1.53 -5.15 17.79
N VAL D 164 2.65 -5.80 17.47
CA VAL D 164 3.65 -5.21 16.59
C VAL D 164 3.02 -5.01 15.21
N ARG D 165 2.34 -6.03 14.72
CA ARG D 165 1.69 -5.95 13.41
C ARG D 165 0.68 -4.82 13.37
N HIS D 166 -0.19 -4.75 14.38
CA HIS D 166 -1.22 -3.73 14.43
C HIS D 166 -0.64 -2.31 14.52
N ALA D 167 0.37 -2.14 15.35
CA ALA D 167 1.00 -0.83 15.53
C ALA D 167 1.66 -0.41 14.23
N ARG D 168 2.44 -1.31 13.62
CA ARG D 168 3.11 -0.98 12.37
C ARG D 168 2.12 -0.71 11.26
N THR D 169 1.06 -1.52 11.20
CA THR D 169 0.06 -1.36 10.14
C THR D 169 -0.69 -0.03 10.25
N MET D 170 -1.17 0.29 11.44
CA MET D 170 -1.89 1.55 11.61
C MET D 170 -0.99 2.71 11.19
N TRP D 171 0.27 2.68 11.61
CA TRP D 171 1.17 3.78 11.24
C TRP D 171 1.55 3.79 9.76
N LYS D 172 1.74 2.63 9.15
CA LYS D 172 2.08 2.61 7.73
C LYS D 172 0.93 3.26 6.96
N GLU D 173 -0.29 2.94 7.37
CA GLU D 173 -1.48 3.48 6.71
C GLU D 173 -1.66 4.98 6.98
N ILE D 174 -1.42 5.40 8.22
CA ILE D 174 -1.52 6.82 8.55
C ILE D 174 -0.54 7.63 7.71
N ARG D 175 0.71 7.18 7.66
CA ARG D 175 1.72 7.91 6.88
C ARG D 175 1.42 7.83 5.38
N TYR D 176 0.83 6.73 4.93
CA TYR D 176 0.49 6.58 3.52
C TYR D 176 -0.63 7.57 3.17
N VAL D 177 -1.65 7.65 4.03
CA VAL D 177 -2.76 8.56 3.80
C VAL D 177 -2.22 9.99 3.68
N GLN D 178 -1.28 10.34 4.55
CA GLN D 178 -0.68 11.66 4.52
C GLN D 178 0.07 11.88 3.21
N SER D 179 0.64 10.82 2.66
CA SER D 179 1.40 10.90 1.40
C SER D 179 0.54 10.93 0.15
N LEU D 180 -0.72 10.51 0.27
CA LEU D 180 -1.60 10.47 -0.90
C LEU D 180 -2.00 11.84 -1.43
N ARG D 181 -2.35 11.89 -2.71
CA ARG D 181 -2.83 13.12 -3.32
C ARG D 181 -4.25 13.27 -2.81
N GLU D 182 -4.72 14.52 -2.73
CA GLU D 182 -6.08 14.76 -2.27
C GLU D 182 -7.09 14.01 -3.13
N ASP D 183 -6.81 13.88 -4.43
CA ASP D 183 -7.76 13.20 -5.30
C ASP D 183 -7.73 11.67 -5.24
N GLU D 184 -6.88 11.12 -4.37
CA GLU D 184 -6.77 9.68 -4.25
C GLU D 184 -7.32 9.16 -2.91
N LEU D 185 -7.75 10.09 -2.07
CA LEU D 185 -8.28 9.75 -0.74
C LEU D 185 -9.59 8.97 -0.71
N MET D 186 -10.54 9.34 -1.57
CA MET D 186 -11.82 8.62 -1.58
C MET D 186 -11.65 7.15 -1.93
N ALA D 187 -10.88 6.87 -2.96
CA ALA D 187 -10.66 5.48 -3.38
C ALA D 187 -10.03 4.68 -2.25
N TYR D 188 -9.09 5.28 -1.53
CA TYR D 188 -8.43 4.58 -0.44
C TYR D 188 -9.39 4.40 0.73
N ALA D 189 -10.17 5.42 1.04
CA ALA D 189 -11.14 5.35 2.13
C ALA D 189 -12.07 4.17 1.89
N LYS D 190 -12.55 4.04 0.66
CA LYS D 190 -13.44 2.95 0.29
C LYS D 190 -12.72 1.61 0.43
N GLU D 191 -11.46 1.58 0.01
CA GLU D 191 -10.65 0.37 0.07
C GLU D 191 -10.54 -0.20 1.48
N ILE D 192 -10.26 0.66 2.46
CA ILE D 192 -10.12 0.19 3.83
C ILE D 192 -11.40 0.35 4.66
N GLY D 193 -12.49 0.72 4.00
CA GLY D 193 -13.75 0.89 4.70
C GLY D 193 -13.67 1.91 5.82
N ALA D 194 -12.97 3.00 5.57
CA ALA D 194 -12.82 4.05 6.57
C ALA D 194 -13.67 5.27 6.25
N PRO D 195 -14.22 5.92 7.29
CA PRO D 195 -15.05 7.12 7.12
C PRO D 195 -14.23 8.19 6.37
N PHE D 196 -14.74 8.59 5.21
CA PHE D 196 -14.07 9.57 4.35
C PHE D 196 -13.61 10.85 5.03
N GLU D 197 -14.47 11.48 5.82
CA GLU D 197 -14.09 12.72 6.49
C GLU D 197 -12.90 12.54 7.44
N LEU D 198 -12.83 11.39 8.11
CA LEU D 198 -11.72 11.15 9.01
C LEU D 198 -10.45 10.84 8.22
N VAL D 199 -10.59 10.23 7.05
CA VAL D 199 -9.42 9.93 6.23
C VAL D 199 -8.81 11.27 5.82
N LYS D 200 -9.67 12.23 5.49
CA LYS D 200 -9.19 13.55 5.09
C LYS D 200 -8.49 14.20 6.27
N TRP D 201 -9.04 13.99 7.47
CA TRP D 201 -8.45 14.56 8.67
C TRP D 201 -7.05 13.99 8.88
N VAL D 202 -6.93 12.68 8.75
CA VAL D 202 -5.64 12.00 8.91
C VAL D 202 -4.66 12.48 7.83
N HIS D 203 -5.16 12.69 6.61
CA HIS D 203 -4.29 13.17 5.54
C HIS D 203 -3.65 14.49 5.92
N ASP D 204 -4.43 15.37 6.54
CA ASP D 204 -3.94 16.69 6.93
C ASP D 204 -3.06 16.69 8.19
N HIS D 205 -3.36 15.81 9.13
CA HIS D 205 -2.61 15.77 10.38
C HIS D 205 -1.51 14.72 10.52
N GLY D 206 -1.59 13.64 9.76
CA GLY D 206 -0.56 12.61 9.84
C GLY D 206 -0.50 11.84 11.15
N ARG D 207 -1.67 11.65 11.77
CA ARG D 207 -1.78 10.91 13.03
C ARG D 207 -3.26 10.70 13.31
N LEU D 208 -3.58 9.93 14.33
CA LEU D 208 -4.98 9.73 14.72
C LEU D 208 -5.36 10.91 15.59
N PRO D 209 -6.66 11.29 15.61
CA PRO D 209 -7.09 12.43 16.42
C PRO D 209 -7.17 12.12 17.92
N VAL D 210 -6.92 10.86 18.28
CA VAL D 210 -6.96 10.45 19.68
C VAL D 210 -5.72 9.63 20.03
N VAL D 211 -5.47 9.50 21.34
CA VAL D 211 -4.34 8.73 21.85
C VAL D 211 -4.46 7.28 21.37
N ASN D 212 -3.33 6.69 21.02
CA ASN D 212 -3.29 5.31 20.53
C ASN D 212 -2.29 4.51 21.34
N PHE D 213 -2.80 3.55 22.11
CA PHE D 213 -1.98 2.70 22.98
C PHE D 213 -1.74 1.30 22.42
N ALA D 214 -0.65 0.68 22.86
CA ALA D 214 -0.34 -0.68 22.46
C ALA D 214 -1.01 -1.58 23.50
N ALA D 215 -1.49 -2.75 23.08
CA ALA D 215 -2.14 -3.67 23.99
C ALA D 215 -2.24 -5.08 23.43
N GLY D 216 -2.18 -6.06 24.33
CA GLY D 216 -2.29 -7.44 23.92
C GLY D 216 -0.98 -8.12 23.61
N GLY D 217 -0.41 -8.78 24.62
CA GLY D 217 0.83 -9.49 24.41
C GLY D 217 2.10 -8.81 24.89
N ILE D 218 1.97 -7.70 25.61
CA ILE D 218 3.14 -7.01 26.14
C ILE D 218 3.49 -7.73 27.45
N ALA D 219 4.52 -8.56 27.41
CA ALA D 219 4.91 -9.34 28.57
C ALA D 219 6.22 -8.96 29.25
N THR D 220 7.07 -8.21 28.56
CA THR D 220 8.36 -7.83 29.13
C THR D 220 8.66 -6.35 28.94
N PRO D 221 9.62 -5.82 29.72
CA PRO D 221 9.96 -4.40 29.58
C PRO D 221 10.40 -4.12 28.15
N ALA D 222 11.12 -5.07 27.54
CA ALA D 222 11.57 -4.91 26.16
C ALA D 222 10.38 -4.76 25.22
N ASP D 223 9.33 -5.55 25.45
CA ASP D 223 8.11 -5.48 24.63
C ASP D 223 7.48 -4.09 24.72
N ALA D 224 7.35 -3.60 25.95
CA ALA D 224 6.75 -2.29 26.18
C ALA D 224 7.53 -1.19 25.46
N ALA D 225 8.85 -1.19 25.62
CA ALA D 225 9.67 -0.18 24.97
C ALA D 225 9.57 -0.31 23.45
N LEU D 226 9.49 -1.54 22.96
CA LEU D 226 9.38 -1.78 21.52
C LEU D 226 8.16 -1.06 20.97
N MET D 227 7.05 -1.14 21.69
CA MET D 227 5.83 -0.48 21.22
C MET D 227 5.97 1.03 21.17
N MET D 228 6.74 1.61 22.08
CA MET D 228 6.94 3.04 22.08
C MET D 228 7.78 3.44 20.87
N HIS D 229 8.75 2.60 20.52
CA HIS D 229 9.58 2.88 19.35
C HIS D 229 8.74 2.80 18.09
N LEU D 230 7.69 1.99 18.11
CA LEU D 230 6.81 1.84 16.96
C LEU D 230 5.73 2.92 16.89
N GLY D 231 5.91 3.99 17.67
CA GLY D 231 4.99 5.11 17.62
C GLY D 231 3.74 5.11 18.48
N MET D 232 3.64 4.19 19.43
CA MET D 232 2.46 4.16 20.29
C MET D 232 2.62 5.15 21.44
N ASP D 233 1.50 5.63 21.98
CA ASP D 233 1.51 6.63 23.04
C ASP D 233 1.65 6.08 24.45
N GLY D 234 1.60 4.76 24.59
CA GLY D 234 1.70 4.15 25.89
C GLY D 234 1.29 2.70 25.76
N VAL D 235 1.17 1.99 26.87
CA VAL D 235 0.80 0.58 26.80
C VAL D 235 -0.16 0.11 27.88
N PHE D 236 -0.94 -0.91 27.54
CA PHE D 236 -1.86 -1.57 28.46
C PHE D 236 -1.17 -2.90 28.75
N VAL D 237 -1.09 -3.31 30.01
CA VAL D 237 -0.48 -4.59 30.35
C VAL D 237 -1.45 -5.37 31.23
N GLY D 238 -1.45 -6.70 31.07
CA GLY D 238 -2.34 -7.56 31.83
C GLY D 238 -1.93 -7.86 33.26
N SER D 239 -2.86 -8.46 34.00
CA SER D 239 -2.64 -8.81 35.40
C SER D 239 -1.57 -9.89 35.57
N GLY D 240 -1.05 -10.39 34.45
CA GLY D 240 -0.02 -11.40 34.49
C GLY D 240 1.15 -10.93 35.34
N ILE D 241 1.25 -9.61 35.52
CA ILE D 241 2.32 -9.02 36.31
C ILE D 241 2.22 -9.50 37.75
N PHE D 242 0.99 -9.68 38.23
CA PHE D 242 0.75 -10.11 39.60
C PHE D 242 0.64 -11.63 39.76
N LYS D 243 1.48 -12.36 39.02
CA LYS D 243 1.48 -13.82 39.09
C LYS D 243 2.80 -14.37 38.59
N SER D 244 3.57 -13.51 37.93
CA SER D 244 4.87 -13.90 37.38
C SER D 244 6.00 -13.74 38.39
N GLY D 245 5.68 -13.93 39.67
CA GLY D 245 6.69 -13.80 40.70
C GLY D 245 7.11 -12.36 40.91
N ASP D 246 7.04 -11.89 42.15
CA ASP D 246 7.40 -10.52 42.48
C ASP D 246 6.76 -9.57 41.48
N PRO D 247 5.43 -9.39 41.57
CA PRO D 247 4.67 -8.51 40.68
C PRO D 247 5.11 -7.07 40.75
N ARG D 248 5.48 -6.63 41.95
CA ARG D 248 5.93 -5.26 42.16
C ARG D 248 7.13 -4.91 41.29
N LYS D 249 8.08 -5.84 41.19
CA LYS D 249 9.28 -5.61 40.40
C LYS D 249 9.02 -5.48 38.90
N ARG D 250 8.28 -6.41 38.32
CA ARG D 250 8.00 -6.35 36.89
C ARG D 250 7.12 -5.15 36.56
N ALA D 251 6.23 -4.79 37.47
CA ALA D 251 5.35 -3.64 37.25
C ALA D 251 6.18 -2.37 37.16
N ARG D 252 7.07 -2.16 38.12
CA ARG D 252 7.92 -0.97 38.11
C ARG D 252 8.85 -1.00 36.90
N ALA D 253 9.28 -2.19 36.52
CA ALA D 253 10.18 -2.34 35.38
C ALA D 253 9.53 -1.88 34.09
N ILE D 254 8.28 -2.28 33.87
CA ILE D 254 7.56 -1.89 32.66
C ILE D 254 7.31 -0.39 32.63
N VAL D 255 6.96 0.19 33.79
CA VAL D 255 6.72 1.62 33.86
C VAL D 255 8.00 2.38 33.48
N ARG D 256 9.14 1.95 34.03
CA ARG D 256 10.40 2.59 33.74
C ARG D 256 10.83 2.40 32.28
N ALA D 257 10.56 1.22 31.73
CA ALA D 257 10.91 0.93 30.35
C ALA D 257 10.16 1.85 29.38
N VAL D 258 8.88 2.10 29.66
CA VAL D 258 8.08 2.97 28.82
C VAL D 258 8.56 4.41 28.94
N ALA D 259 8.94 4.81 30.14
CA ALA D 259 9.41 6.17 30.39
C ALA D 259 10.79 6.43 29.81
N HIS D 260 11.60 5.37 29.66
CA HIS D 260 12.95 5.52 29.12
C HIS D 260 13.17 4.51 28.00
N TYR D 261 12.19 4.40 27.12
CA TYR D 261 12.28 3.43 26.03
C TYR D 261 13.45 3.59 25.07
N ASN D 262 14.07 4.77 25.05
CA ASN D 262 15.19 5.00 24.16
C ASN D 262 16.56 4.91 24.85
N ASP D 263 16.57 4.43 26.09
CA ASP D 263 17.81 4.31 26.86
C ASP D 263 18.17 2.84 27.09
N PRO D 264 19.10 2.29 26.28
CA PRO D 264 19.49 0.89 26.43
C PRO D 264 20.00 0.51 27.82
N GLU D 265 20.71 1.45 28.47
CA GLU D 265 21.23 1.18 29.81
C GLU D 265 20.08 0.90 30.78
N VAL D 266 19.06 1.75 30.74
CA VAL D 266 17.90 1.58 31.62
C VAL D 266 17.14 0.31 31.26
N LEU D 267 16.94 0.07 29.97
CA LEU D 267 16.23 -1.13 29.55
C LEU D 267 16.94 -2.40 30.03
N ALA D 268 18.27 -2.39 29.98
CA ALA D 268 19.03 -3.55 30.42
C ALA D 268 18.92 -3.71 31.94
N GLU D 269 18.97 -2.60 32.66
CA GLU D 269 18.88 -2.63 34.11
C GLU D 269 17.56 -3.23 34.61
N VAL D 270 16.44 -2.71 34.12
CA VAL D 270 15.14 -3.20 34.55
C VAL D 270 14.80 -4.62 34.10
N SER D 271 15.51 -5.11 33.08
CA SER D 271 15.27 -6.45 32.58
C SER D 271 16.02 -7.52 33.37
N GLU D 272 17.07 -7.10 34.07
CA GLU D 272 17.89 -8.04 34.83
C GLU D 272 17.25 -8.59 36.10
N ASP D 273 17.37 -9.91 36.27
CA ASP D 273 16.83 -10.61 37.43
C ASP D 273 15.37 -10.26 37.64
N LEU D 274 14.60 -10.25 36.55
CA LEU D 274 13.20 -9.89 36.61
C LEU D 274 12.27 -11.05 36.97
N GLY D 275 12.78 -12.28 36.89
CA GLY D 275 11.98 -13.44 37.23
C GLY D 275 11.18 -13.97 36.06
N GLU D 276 10.48 -15.08 36.30
CA GLU D 276 9.66 -15.73 35.27
C GLU D 276 8.51 -14.85 34.81
N PRO D 277 8.32 -14.74 33.48
CA PRO D 277 7.24 -13.92 32.91
C PRO D 277 5.91 -14.67 32.94
N MET D 278 4.82 -13.92 33.01
CA MET D 278 3.46 -14.48 33.05
C MET D 278 3.29 -15.45 34.22
C1 MPD E . 3.18 4.78 -27.38
C2 MPD E . 4.27 5.49 -28.16
O2 MPD E . 4.38 4.91 -29.47
CM MPD E . 3.95 6.98 -28.26
C3 MPD E . 5.50 5.69 -27.27
C4 MPD E . 6.92 5.28 -27.65
O4 MPD E . 7.40 5.80 -28.90
C5 MPD E . 8.08 5.70 -26.74
C1 MPD F . 19.99 -25.40 16.35
C2 MPD F . 20.83 -24.72 17.43
O2 MPD F . 20.05 -24.60 18.63
CM MPD F . 22.09 -25.53 17.67
C3 MPD F . 21.46 -23.52 16.72
C4 MPD F . 21.65 -22.17 17.43
O4 MPD F . 22.15 -21.77 18.71
C5 MPD F . 22.41 -21.16 16.59
C1 MPD G . -28.61 8.00 -21.69
C2 MPD G . -28.42 9.51 -21.78
O2 MPD G . -27.72 9.82 -22.98
CM MPD G . -29.79 10.20 -21.76
C3 MPD G . -27.98 10.40 -20.62
C4 MPD G . -26.88 11.44 -20.41
O4 MPD G . -26.78 12.40 -21.47
C5 MPD G . -26.97 12.36 -19.19
C1 MPD H . -4.35 -7.31 26.89
C2 MPD H . -4.86 -6.44 28.03
O2 MPD H . -5.56 -7.25 28.98
CM MPD H . -3.68 -5.73 28.70
C3 MPD H . -5.48 -5.12 27.56
C4 MPD H . -6.81 -4.49 27.96
O4 MPD H . -7.00 -4.47 29.38
C5 MPD H . -7.04 -3.01 27.64
#